data_6AZM
#
_entry.id   6AZM
#
_cell.length_a   70.961
_cell.length_b   166.555
_cell.length_c   72.996
_cell.angle_alpha   90.00
_cell.angle_beta   90.00
_cell.angle_gamma   90.00
#
_symmetry.space_group_name_H-M   'P 21 21 21'
#
loop_
_entity.id
_entity.type
_entity.pdbx_description
1 polymer '580 germline antibody, light chain'
2 polymer '580 germline antibody, heavy chain'
3 polymer 'Circumsporozoite protein NANP 5-mer'
4 non-polymer GLYCEROL
5 water water
#
loop_
_entity_poly.entity_id
_entity_poly.type
_entity_poly.pdbx_seq_one_letter_code
_entity_poly.pdbx_strand_id
1 'polypeptide(L)'
;DIVMTQSPDSLAVSLGERATINCKSSQSVLYSSNNKNYLAWYQQKPGQPPKLLIYWASTRESGVPDRFSGSGSGTDFTLT
ISSLQAEDVAVYYCQQYYSTPITFGQGTRLEIKRTVAAPSVFIFPPSDEQLKSGTASVVCLLNNFYPREAKVQWKVDNAL
QSGNSQESVTEQDSKDSTYSLSSTLTLSKADYEKHKVYACEVTHQGLSSPVTKSFNRGE
;
A,C
2 'polypeptide(L)'
;EVQLLESGGGLVQPGGSLRLSCAASGFTFSSYAMSWVRQAPGKGLEWVSAISGSGGSTYYADSVKGRFTISRDNSKNTLY
LQMNSLRAEDTAVYYCAKDPGGDSSPAGRTWFDPWGQGTLVTVSSASTKGPSVFPLAPSSKSTSGGTAALGCLVKDYFPE
PVTVSWNSGALTSGVHTFPAVLQSSGLYSLSSVVTVPSSSLGTQTYICNVNHKPSNTKVDKKVEP
;
B,D
3 'polypeptide(L)' NANPNANPNANPNANPNANP F,E
#
loop_
_chem_comp.id
_chem_comp.type
_chem_comp.name
_chem_comp.formula
GOL non-polymer GLYCEROL 'C3 H8 O3'
#
# COMPACT_ATOMS: atom_id res chain seq x y z
N ASP A 1 -22.73 20.16 -7.22
CA ASP A 1 -21.65 20.50 -6.30
C ASP A 1 -20.30 20.18 -6.91
N ILE A 2 -19.27 20.94 -6.53
CA ILE A 2 -17.93 20.71 -7.06
C ILE A 2 -17.34 19.47 -6.38
N VAL A 3 -16.82 18.55 -7.18
CA VAL A 3 -16.23 17.33 -6.68
C VAL A 3 -14.71 17.49 -6.67
N MET A 4 -14.10 17.20 -5.53
CA MET A 4 -12.66 17.29 -5.35
C MET A 4 -12.09 15.88 -5.30
N THR A 5 -11.10 15.59 -6.16
CA THR A 5 -10.51 14.25 -6.23
C THR A 5 -9.02 14.32 -5.99
N GLN A 6 -8.54 13.63 -4.96
CA GLN A 6 -7.11 13.61 -4.66
C GLN A 6 -6.42 12.38 -5.26
N SER A 7 -5.15 12.55 -5.64
CA SER A 7 -4.36 11.44 -6.19
C SER A 7 -2.95 11.49 -5.60
N PRO A 8 -2.45 10.40 -5.02
CA PRO A 8 -3.08 9.11 -4.77
C PRO A 8 -3.88 9.16 -3.48
N ASP A 9 -4.55 8.06 -3.11
CA ASP A 9 -5.24 7.98 -1.82
C ASP A 9 -4.27 7.79 -0.66
N SER A 10 -3.08 7.26 -0.93
CA SER A 10 -2.09 6.97 0.09
C SER A 10 -0.74 6.81 -0.59
N LEU A 11 0.32 7.10 0.17
CA LEU A 11 1.67 6.87 -0.32
C LEU A 11 2.62 6.89 0.87
N ALA A 12 3.75 6.19 0.71
CA ALA A 12 4.77 6.15 1.75
C ALA A 12 6.04 6.79 1.23
N VAL A 13 6.61 7.68 2.03
CA VAL A 13 7.80 8.46 1.65
C VAL A 13 8.74 8.51 2.86
N SER A 14 10.05 8.38 2.60
CA SER A 14 11.05 8.36 3.67
C SER A 14 11.40 9.78 4.12
N LEU A 15 11.88 9.89 5.35
CA LEU A 15 12.29 11.18 5.88
C LEU A 15 13.37 11.80 5.01
N GLY A 16 13.27 13.12 4.83
CA GLY A 16 14.22 13.85 4.04
C GLY A 16 13.90 13.91 2.56
N GLU A 17 12.95 13.10 2.08
CA GLU A 17 12.55 13.09 0.69
C GLU A 17 11.35 14.01 0.49
N ARG A 18 10.93 14.14 -0.77
CA ARG A 18 9.83 15.02 -1.14
C ARG A 18 8.58 14.20 -1.43
N ALA A 19 7.46 14.60 -0.83
CA ALA A 19 6.17 13.96 -1.09
C ALA A 19 5.29 14.91 -1.89
N THR A 20 4.59 14.39 -2.90
CA THR A 20 3.72 15.21 -3.73
C THR A 20 2.33 14.60 -3.80
N ILE A 21 1.31 15.43 -3.54
CA ILE A 21 -0.08 15.01 -3.53
C ILE A 21 -0.85 15.92 -4.48
N ASN A 22 -1.66 15.32 -5.36
CA ASN A 22 -2.43 16.06 -6.34
C ASN A 22 -3.90 16.14 -5.95
N CYS A 23 -4.55 17.22 -6.38
CA CYS A 23 -5.97 17.47 -6.13
C CYS A 23 -6.59 18.06 -7.39
N LYS A 24 -7.69 17.48 -7.84
CA LYS A 24 -8.40 17.96 -9.03
C LYS A 24 -9.80 18.40 -8.66
N SER A 25 -10.22 19.57 -9.16
CA SER A 25 -11.60 20.02 -8.99
C SER A 25 -12.40 19.73 -10.26
N SER A 26 -13.68 19.42 -10.09
CA SER A 26 -14.51 19.05 -11.24
C SER A 26 -14.87 20.25 -12.11
N GLN A 27 -14.71 21.46 -11.60
CA GLN A 27 -14.74 22.67 -12.42
C GLN A 27 -13.66 23.62 -11.90
N SER A 28 -13.33 24.61 -12.73
CA SER A 28 -12.28 25.55 -12.34
C SER A 28 -12.68 26.35 -11.12
N VAL A 29 -11.73 26.54 -10.21
CA VAL A 29 -11.93 27.38 -9.04
C VAL A 29 -11.12 28.68 -9.15
N LEU A 30 -10.76 29.08 -10.36
CA LEU A 30 -10.08 30.34 -10.62
C LEU A 30 -11.08 31.43 -10.96
N TYR A 31 -11.09 32.51 -10.16
CA TYR A 31 -11.96 33.65 -10.38
C TYR A 31 -11.22 34.68 -11.23
N SER A 32 -11.79 35.01 -12.39
CA SER A 32 -11.09 35.89 -13.32
C SER A 32 -11.00 37.31 -12.79
N SER A 33 -11.95 37.73 -11.95
CA SER A 33 -11.95 39.12 -11.49
C SER A 33 -10.73 39.45 -10.63
N ASN A 34 -10.30 38.51 -9.79
CA ASN A 34 -9.15 38.75 -8.93
C ASN A 34 -8.01 37.77 -9.18
N ASN A 35 -8.13 36.88 -10.15
CA ASN A 35 -7.07 35.93 -10.50
C ASN A 35 -6.66 35.06 -9.31
N LYS A 36 -7.61 34.74 -8.44
CA LYS A 36 -7.33 33.87 -7.30
C LYS A 36 -7.96 32.49 -7.51
N ASN A 37 -7.24 31.47 -7.06
CA ASN A 37 -7.73 30.09 -7.03
C ASN A 37 -8.27 29.80 -5.63
N TYR A 38 -9.54 29.38 -5.57
CA TYR A 38 -10.28 29.25 -4.32
C TYR A 38 -10.10 27.83 -3.76
N LEU A 39 -8.87 27.57 -3.30
CA LEU A 39 -8.40 26.23 -2.98
C LEU A 39 -7.56 26.28 -1.71
N ALA A 40 -7.82 25.36 -0.79
CA ALA A 40 -7.04 25.28 0.45
C ALA A 40 -6.60 23.85 0.69
N TRP A 41 -5.56 23.72 1.54
CA TRP A 41 -5.01 22.43 1.94
C TRP A 41 -4.94 22.35 3.46
N TYR A 42 -5.29 21.19 4.01
CA TYR A 42 -5.21 20.93 5.45
C TYR A 42 -4.39 19.69 5.73
N GLN A 43 -3.85 19.64 6.94
CA GLN A 43 -3.19 18.47 7.49
C GLN A 43 -3.98 17.99 8.70
N GLN A 44 -4.28 16.69 8.78
CA GLN A 44 -4.98 16.19 9.97
C GLN A 44 -4.24 14.98 10.54
N LYS A 45 -3.75 15.15 11.75
CA LYS A 45 -3.10 14.08 12.51
C LYS A 45 -4.13 13.34 13.36
N PRO A 46 -3.85 12.07 13.73
CA PRO A 46 -4.84 11.28 14.47
C PRO A 46 -5.27 11.96 15.76
N GLY A 47 -6.57 11.92 16.03
CA GLY A 47 -7.14 12.51 17.21
C GLY A 47 -7.24 14.02 17.20
N GLN A 48 -6.79 14.67 16.14
CA GLN A 48 -6.72 16.12 16.09
C GLN A 48 -7.63 16.66 15.00
N PRO A 49 -8.04 17.93 15.10
CA PRO A 49 -8.77 18.56 14.00
C PRO A 49 -7.85 18.81 12.83
N PRO A 50 -8.40 19.02 11.64
CA PRO A 50 -7.60 19.53 10.52
C PRO A 50 -6.91 20.82 10.91
N LYS A 51 -5.73 21.04 10.33
CA LYS A 51 -4.97 22.26 10.52
C LYS A 51 -4.69 22.87 9.15
N LEU A 52 -4.98 24.17 9.00
CA LEU A 52 -4.76 24.86 7.73
C LEU A 52 -3.28 24.92 7.36
N LEU A 53 -2.95 24.53 6.12
CA LEU A 53 -1.60 24.68 5.59
C LEU A 53 -1.49 25.80 4.58
N ILE A 54 -2.39 25.82 3.60
CA ILE A 54 -2.28 26.62 2.38
C ILE A 54 -3.66 27.12 2.05
N TYR A 55 -3.75 28.36 1.58
CA TYR A 55 -4.99 28.89 1.03
C TYR A 55 -4.66 29.71 -0.20
N TRP A 56 -5.69 30.09 -0.96
CA TRP A 56 -5.49 30.69 -2.29
C TRP A 56 -4.52 29.87 -3.13
N ALA A 57 -4.61 28.54 -3.00
CA ALA A 57 -3.80 27.54 -3.70
C ALA A 57 -2.30 27.56 -3.35
N SER A 58 -1.72 28.73 -3.08
CA SER A 58 -0.28 28.80 -2.88
C SER A 58 0.18 29.63 -1.70
N THR A 59 -0.73 30.26 -0.96
CA THR A 59 -0.34 31.09 0.18
C THR A 59 -0.21 30.21 1.41
N ARG A 60 0.98 30.18 2.00
CA ARG A 60 1.24 29.39 3.19
C ARG A 60 0.73 30.14 4.41
N GLU A 61 -0.01 29.43 5.26
CA GLU A 61 -0.51 30.04 6.50
C GLU A 61 0.66 30.39 7.42
N SER A 62 0.53 31.51 8.13
CA SER A 62 1.54 31.90 9.09
C SER A 62 1.82 30.77 10.07
N GLY A 63 3.09 30.51 10.32
CA GLY A 63 3.50 29.46 11.22
C GLY A 63 3.70 28.10 10.58
N VAL A 64 3.23 27.89 9.37
CA VAL A 64 3.43 26.61 8.70
C VAL A 64 4.86 26.55 8.16
N PRO A 65 5.60 25.46 8.43
CA PRO A 65 6.98 25.36 7.95
C PRO A 65 7.07 25.53 6.44
N ASP A 66 8.16 26.17 5.99
CA ASP A 66 8.22 26.48 4.56
C ASP A 66 8.50 25.25 3.70
N ARG A 67 8.64 24.07 4.29
CA ARG A 67 8.73 22.87 3.48
C ARG A 67 7.38 22.48 2.86
N PHE A 68 6.28 23.07 3.31
CA PHE A 68 4.97 22.84 2.71
C PHE A 68 4.71 23.91 1.65
N SER A 69 4.35 23.48 0.44
CA SER A 69 4.04 24.46 -0.59
C SER A 69 2.90 23.95 -1.47
N GLY A 70 2.07 24.89 -1.91
CA GLY A 70 0.98 24.59 -2.84
C GLY A 70 1.21 25.29 -4.16
N SER A 71 0.73 24.64 -5.23
CA SER A 71 0.83 25.17 -6.57
C SER A 71 -0.37 24.70 -7.37
N GLY A 72 -0.46 25.16 -8.61
CA GLY A 72 -1.53 24.80 -9.51
C GLY A 72 -2.49 25.93 -9.76
N SER A 73 -3.42 25.68 -10.67
CA SER A 73 -4.37 26.70 -11.09
C SER A 73 -5.53 26.02 -11.82
N GLY A 74 -6.69 26.67 -11.78
CA GLY A 74 -7.85 26.20 -12.50
C GLY A 74 -8.50 24.99 -11.85
N THR A 75 -8.19 23.80 -12.38
CA THR A 75 -8.72 22.55 -11.84
C THR A 75 -7.65 21.63 -11.28
N ASP A 76 -6.38 21.97 -11.40
CA ASP A 76 -5.31 21.03 -11.10
C ASP A 76 -4.33 21.64 -10.10
N PHE A 77 -4.23 21.01 -8.93
CA PHE A 77 -3.49 21.55 -7.81
C PHE A 77 -2.58 20.49 -7.19
N THR A 78 -1.56 20.98 -6.49
CA THR A 78 -0.54 20.11 -5.93
C THR A 78 -0.07 20.63 -4.59
N LEU A 79 0.06 19.73 -3.62
CA LEU A 79 0.72 20.01 -2.36
C LEU A 79 2.04 19.25 -2.36
N THR A 80 3.14 19.96 -2.11
CA THR A 80 4.46 19.34 -2.05
C THR A 80 5.03 19.53 -0.66
N ILE A 81 5.52 18.45 -0.07
CA ILE A 81 6.21 18.51 1.22
C ILE A 81 7.65 18.13 0.96
N SER A 82 8.53 19.10 1.05
CA SER A 82 9.96 18.86 0.93
C SER A 82 10.51 18.41 2.27
N SER A 83 11.66 17.74 2.24
CA SER A 83 12.39 17.38 3.45
C SER A 83 11.45 16.83 4.52
N LEU A 84 10.82 15.71 4.20
CA LEU A 84 9.79 15.14 5.06
C LEU A 84 10.34 14.83 6.46
N GLN A 85 9.53 15.13 7.47
CA GLN A 85 9.87 14.88 8.87
C GLN A 85 8.90 13.85 9.45
N ALA A 86 9.35 13.18 10.54
CA ALA A 86 8.61 12.04 11.04
C ALA A 86 7.21 12.41 11.49
N GLU A 87 7.03 13.63 11.98
CA GLU A 87 5.73 14.07 12.46
C GLU A 87 4.78 14.45 11.34
N ASP A 88 5.22 14.40 10.08
CA ASP A 88 4.35 14.73 8.96
C ASP A 88 3.37 13.61 8.62
N VAL A 89 3.45 12.47 9.31
CA VAL A 89 2.46 11.43 9.09
C VAL A 89 1.09 11.99 9.43
N ALA A 90 0.18 11.93 8.46
CA ALA A 90 -1.10 12.63 8.59
C ALA A 90 -1.93 12.30 7.36
N VAL A 91 -3.19 12.70 7.40
CA VAL A 91 -4.04 12.72 6.21
C VAL A 91 -4.11 14.17 5.74
N TYR A 92 -3.89 14.37 4.45
CA TYR A 92 -3.91 15.71 3.86
C TYR A 92 -5.16 15.85 3.00
N TYR A 93 -5.85 16.99 3.15
CA TYR A 93 -7.10 17.27 2.44
C TYR A 93 -6.98 18.55 1.63
N CYS A 94 -7.52 18.54 0.41
CA CYS A 94 -7.79 19.78 -0.29
C CYS A 94 -9.26 20.14 -0.12
N GLN A 95 -9.57 21.41 -0.36
CA GLN A 95 -10.94 21.91 -0.20
C GLN A 95 -11.12 23.07 -1.16
N GLN A 96 -12.26 23.09 -1.86
CA GLN A 96 -12.62 24.27 -2.62
C GLN A 96 -13.58 25.14 -1.81
N TYR A 97 -13.48 26.46 -2.01
CA TYR A 97 -14.43 27.42 -1.46
C TYR A 97 -14.83 28.43 -2.55
N TYR A 98 -14.83 27.95 -3.79
CA TYR A 98 -15.34 28.70 -4.94
C TYR A 98 -16.86 28.84 -4.91
N SER A 99 -17.57 27.76 -4.55
CA SER A 99 -19.02 27.85 -4.49
C SER A 99 -19.54 26.94 -3.39
N THR A 100 -20.74 27.23 -2.95
CA THR A 100 -21.35 26.43 -1.90
C THR A 100 -22.19 25.31 -2.50
N PRO A 101 -22.31 24.17 -1.82
CA PRO A 101 -21.64 23.91 -0.54
C PRO A 101 -20.15 23.72 -0.74
N ILE A 102 -19.33 24.17 0.22
CA ILE A 102 -17.91 23.87 0.10
C ILE A 102 -17.70 22.36 0.23
N THR A 103 -16.67 21.87 -0.45
CA THR A 103 -16.43 20.44 -0.55
C THR A 103 -14.94 20.15 -0.38
N PHE A 104 -14.66 18.99 0.20
CA PHE A 104 -13.31 18.54 0.46
C PHE A 104 -12.97 17.36 -0.44
N GLY A 105 -11.68 17.22 -0.73
CA GLY A 105 -11.21 15.97 -1.27
C GLY A 105 -11.35 14.85 -0.25
N GLN A 106 -11.13 13.62 -0.72
CA GLN A 106 -11.34 12.45 0.12
C GLN A 106 -10.20 12.18 1.07
N GLY A 107 -9.10 12.92 0.96
CA GLY A 107 -7.97 12.72 1.83
C GLY A 107 -6.91 11.83 1.21
N THR A 108 -5.65 12.16 1.48
CA THR A 108 -4.51 11.33 1.09
C THR A 108 -3.73 10.99 2.34
N ARG A 109 -3.58 9.70 2.64
CA ARG A 109 -2.87 9.25 3.83
C ARG A 109 -1.38 9.19 3.51
N LEU A 110 -0.58 10.00 4.18
CA LEU A 110 0.86 9.98 3.99
C LEU A 110 1.48 9.12 5.07
N GLU A 111 2.11 8.03 4.65
CA GLU A 111 2.85 7.14 5.54
C GLU A 111 4.33 7.48 5.47
N ILE A 112 5.04 7.36 6.58
CA ILE A 112 6.48 7.54 6.57
C ILE A 112 7.13 6.18 6.33
N LYS A 113 7.90 6.09 5.26
CA LYS A 113 8.70 4.90 5.01
C LYS A 113 9.96 4.93 5.87
N ARG A 114 10.27 3.79 6.48
CA ARG A 114 11.47 3.64 7.29
C ARG A 114 12.05 2.25 7.02
N THR A 115 13.13 1.93 7.70
CA THR A 115 13.71 0.61 7.55
C THR A 115 12.79 -0.46 8.12
N VAL A 116 12.99 -1.68 7.64
CA VAL A 116 12.21 -2.81 8.12
C VAL A 116 12.55 -3.08 9.58
N ALA A 117 11.51 -3.29 10.39
CA ALA A 117 11.66 -3.57 11.80
C ALA A 117 10.74 -4.72 12.15
N ALA A 118 11.31 -5.82 12.66
CA ALA A 118 10.49 -6.96 13.06
C ALA A 118 9.72 -6.64 14.33
N PRO A 119 8.52 -7.19 14.48
CA PRO A 119 7.78 -7.00 15.73
C PRO A 119 8.42 -7.79 16.87
N SER A 120 8.40 -7.19 18.06
CA SER A 120 8.58 -7.95 19.28
C SER A 120 7.23 -8.55 19.64
N VAL A 121 7.21 -9.83 20.01
CA VAL A 121 5.95 -10.53 20.20
C VAL A 121 5.82 -10.93 21.65
N PHE A 122 4.64 -10.69 22.22
CA PHE A 122 4.35 -11.01 23.60
C PHE A 122 2.97 -11.65 23.64
N ILE A 123 2.79 -12.65 24.50
CA ILE A 123 1.48 -13.29 24.66
C ILE A 123 1.06 -13.19 26.11
N PHE A 124 -0.23 -12.92 26.34
CA PHE A 124 -0.80 -12.79 27.67
C PHE A 124 -1.95 -13.77 27.85
N PRO A 125 -1.88 -14.66 28.82
CA PRO A 125 -3.04 -15.51 29.13
C PRO A 125 -4.18 -14.66 29.67
N PRO A 126 -5.40 -15.20 29.71
CA PRO A 126 -6.48 -14.49 30.40
C PRO A 126 -6.15 -14.35 31.87
N SER A 127 -6.62 -13.26 32.47
CA SER A 127 -6.48 -13.09 33.91
C SER A 127 -7.43 -14.04 34.65
N ASP A 128 -7.00 -14.47 35.84
CA ASP A 128 -7.89 -15.29 36.68
C ASP A 128 -9.17 -14.55 36.99
N GLU A 129 -9.09 -13.23 37.14
CA GLU A 129 -10.28 -12.42 37.41
C GLU A 129 -11.30 -12.53 36.30
N GLN A 130 -10.85 -12.43 35.04
CA GLN A 130 -11.81 -12.56 33.94
C GLN A 130 -12.36 -13.97 33.86
N LEU A 131 -11.52 -14.99 34.07
CA LEU A 131 -11.96 -16.36 33.93
C LEU A 131 -13.11 -16.70 34.86
N LYS A 132 -13.12 -16.15 36.07
CA LYS A 132 -14.21 -16.49 36.96
C LYS A 132 -15.54 -15.86 36.55
N SER A 133 -15.56 -15.01 35.53
CA SER A 133 -16.80 -14.48 34.99
C SER A 133 -17.24 -15.19 33.72
N GLY A 134 -16.49 -16.18 33.23
CA GLY A 134 -16.97 -17.09 32.21
C GLY A 134 -16.36 -16.92 30.82
N THR A 135 -15.48 -15.94 30.62
CA THR A 135 -14.89 -15.68 29.32
C THR A 135 -13.38 -15.58 29.48
N ALA A 136 -12.67 -16.01 28.43
CA ALA A 136 -11.22 -15.94 28.39
C ALA A 136 -10.80 -15.09 27.20
N SER A 137 -10.10 -14.00 27.46
CA SER A 137 -9.46 -13.20 26.43
C SER A 137 -7.96 -13.48 26.44
N VAL A 138 -7.43 -14.03 25.35
CA VAL A 138 -5.99 -14.25 25.19
C VAL A 138 -5.47 -13.18 24.24
N VAL A 139 -4.39 -12.50 24.64
CA VAL A 139 -3.93 -11.30 23.93
C VAL A 139 -2.52 -11.53 23.41
N CYS A 140 -2.32 -11.22 22.14
CA CYS A 140 -0.99 -11.26 21.52
C CYS A 140 -0.62 -9.86 21.07
N LEU A 141 0.56 -9.39 21.48
CA LEU A 141 1.04 -8.06 21.16
C LEU A 141 2.19 -8.17 20.17
N LEU A 142 2.09 -7.42 19.07
CA LEU A 142 3.18 -7.25 18.10
C LEU A 142 3.63 -5.80 18.23
N ASN A 143 4.83 -5.58 18.75
CA ASN A 143 5.23 -4.23 19.14
C ASN A 143 6.31 -3.68 18.21
N ASN A 144 6.03 -2.48 17.67
CA ASN A 144 7.00 -1.60 17.01
C ASN A 144 7.62 -2.24 15.77
N PHE A 145 6.78 -2.42 14.74
CA PHE A 145 7.21 -3.06 13.51
C PHE A 145 6.93 -2.18 12.30
N TYR A 146 7.66 -2.46 11.23
CA TYR A 146 7.45 -1.78 9.96
C TYR A 146 7.94 -2.72 8.87
N PRO A 147 7.21 -2.91 7.77
CA PRO A 147 5.96 -2.24 7.38
C PRO A 147 4.74 -2.77 8.10
N ARG A 148 3.58 -2.22 7.72
CA ARG A 148 2.35 -2.47 8.47
C ARG A 148 1.85 -3.89 8.28
N GLU A 149 2.12 -4.50 7.12
CA GLU A 149 1.58 -5.82 6.82
C GLU A 149 2.14 -6.83 7.80
N ALA A 150 1.24 -7.55 8.48
CA ALA A 150 1.66 -8.57 9.44
C ALA A 150 0.53 -9.59 9.55
N LYS A 151 0.89 -10.83 9.80
CA LYS A 151 -0.08 -11.90 9.91
C LYS A 151 0.03 -12.51 11.30
N VAL A 152 -1.09 -12.57 12.01
CA VAL A 152 -1.17 -13.24 13.31
C VAL A 152 -2.02 -14.48 13.12
N GLN A 153 -1.51 -15.62 13.57
CA GLN A 153 -2.23 -16.88 13.47
C GLN A 153 -2.30 -17.48 14.86
N TRP A 154 -3.50 -17.58 15.43
CA TRP A 154 -3.70 -18.26 16.71
C TRP A 154 -3.75 -19.78 16.52
N LYS A 155 -3.12 -20.50 17.44
CA LYS A 155 -3.14 -21.96 17.44
C LYS A 155 -3.52 -22.42 18.83
N VAL A 156 -4.42 -23.38 18.90
CA VAL A 156 -4.85 -23.96 20.16
C VAL A 156 -4.66 -25.46 20.05
N ASP A 157 -3.78 -26.01 20.88
CA ASP A 157 -3.31 -27.39 20.72
C ASP A 157 -2.99 -27.68 19.26
N ASN A 158 -2.29 -26.73 18.64
CA ASN A 158 -1.79 -26.77 17.28
C ASN A 158 -2.89 -26.75 16.21
N ALA A 159 -4.15 -26.52 16.60
CA ALA A 159 -5.19 -26.29 15.61
C ALA A 159 -5.24 -24.80 15.30
N LEU A 160 -5.08 -24.45 14.03
CA LEU A 160 -5.16 -23.04 13.65
C LEU A 160 -6.59 -22.55 13.76
N GLN A 161 -6.75 -21.37 14.36
CA GLN A 161 -8.06 -20.79 14.63
C GLN A 161 -8.50 -19.84 13.53
N SER A 162 -9.81 -19.68 13.39
CA SER A 162 -10.35 -18.63 12.54
C SER A 162 -11.73 -18.25 13.06
N GLY A 163 -12.07 -16.97 12.88
CA GLY A 163 -13.38 -16.48 13.24
C GLY A 163 -13.57 -16.11 14.70
N ASN A 164 -12.57 -16.31 15.55
CA ASN A 164 -12.72 -16.04 16.98
C ASN A 164 -11.65 -15.10 17.51
N SER A 165 -11.05 -14.28 16.65
CA SER A 165 -10.10 -13.26 17.06
C SER A 165 -10.42 -11.92 16.40
N GLN A 166 -9.94 -10.85 17.01
CA GLN A 166 -10.03 -9.52 16.42
C GLN A 166 -8.70 -8.80 16.63
N GLU A 167 -8.36 -7.95 15.68
CA GLU A 167 -7.11 -7.21 15.64
C GLU A 167 -7.35 -5.71 15.69
N SER A 168 -6.37 -5.00 16.26
CA SER A 168 -6.33 -3.55 16.24
C SER A 168 -4.90 -3.08 15.99
N VAL A 169 -4.71 -2.05 15.17
CA VAL A 169 -3.37 -1.55 14.84
C VAL A 169 -3.29 -0.08 15.20
N THR A 170 -2.18 0.33 15.81
CA THR A 170 -2.02 1.73 16.16
C THR A 170 -1.76 2.57 14.91
N GLU A 171 -2.03 3.86 15.03
CA GLU A 171 -1.53 4.83 14.07
C GLU A 171 -0.01 4.80 14.07
N GLN A 172 0.57 5.09 12.90
CA GLN A 172 2.02 5.10 12.79
C GLN A 172 2.63 6.09 13.78
N ASP A 173 3.67 5.65 14.50
CA ASP A 173 4.26 6.50 15.53
C ASP A 173 4.91 7.72 14.91
N SER A 174 4.66 8.88 15.51
CA SER A 174 5.15 10.14 14.94
C SER A 174 6.62 10.39 15.20
N LYS A 175 7.30 9.50 15.94
CA LYS A 175 8.72 9.64 16.19
C LYS A 175 9.55 8.54 15.55
N ASP A 176 9.16 7.27 15.71
CA ASP A 176 9.95 6.15 15.19
C ASP A 176 9.31 5.49 13.99
N SER A 177 8.12 5.93 13.57
CA SER A 177 7.47 5.52 12.33
C SER A 177 7.11 4.03 12.33
N THR A 178 6.96 3.40 13.51
CA THR A 178 6.53 2.01 13.58
C THR A 178 5.04 1.90 13.90
N TYR A 179 4.54 0.68 13.76
CA TYR A 179 3.19 0.28 14.13
C TYR A 179 3.25 -0.70 15.28
N SER A 180 2.16 -0.80 16.03
CA SER A 180 1.96 -1.93 16.93
C SER A 180 0.59 -2.52 16.69
N LEU A 181 0.42 -3.77 17.07
CA LEU A 181 -0.81 -4.51 16.79
C LEU A 181 -1.17 -5.40 17.96
N SER A 182 -2.44 -5.43 18.31
CA SER A 182 -2.96 -6.37 19.30
C SER A 182 -3.91 -7.31 18.61
N SER A 183 -3.82 -8.60 18.91
CA SER A 183 -4.81 -9.58 18.50
C SER A 183 -5.38 -10.21 19.76
N THR A 184 -6.71 -10.29 19.85
CA THR A 184 -7.37 -10.89 21.00
C THR A 184 -8.14 -12.10 20.54
N LEU A 185 -7.82 -13.25 21.12
CA LEU A 185 -8.59 -14.48 20.94
C LEU A 185 -9.60 -14.60 22.07
N THR A 186 -10.88 -14.76 21.73
CA THR A 186 -11.95 -14.84 22.73
C THR A 186 -12.57 -16.24 22.72
N LEU A 187 -12.51 -16.91 23.87
CA LEU A 187 -13.11 -18.21 24.07
C LEU A 187 -14.01 -18.18 25.29
N SER A 188 -15.02 -19.05 25.30
CA SER A 188 -15.71 -19.32 26.55
C SER A 188 -14.73 -19.97 27.52
N LYS A 189 -14.98 -19.80 28.82
CA LYS A 189 -14.14 -20.46 29.82
C LYS A 189 -14.11 -21.97 29.60
N ALA A 190 -15.26 -22.55 29.25
CA ALA A 190 -15.32 -24.00 29.02
C ALA A 190 -14.42 -24.42 27.86
N ASP A 191 -14.45 -23.67 26.76
CA ASP A 191 -13.57 -23.99 25.64
C ASP A 191 -12.11 -23.76 26.01
N TYR A 192 -11.83 -22.66 26.72
CA TYR A 192 -10.47 -22.36 27.13
C TYR A 192 -9.90 -23.49 27.99
N GLU A 193 -10.68 -24.03 28.90
CA GLU A 193 -10.19 -25.08 29.79
C GLU A 193 -10.11 -26.44 29.13
N LYS A 194 -10.62 -26.58 27.91
CA LYS A 194 -10.56 -27.85 27.20
C LYS A 194 -9.21 -28.09 26.54
N HIS A 195 -8.37 -27.07 26.44
CA HIS A 195 -7.13 -27.17 25.69
C HIS A 195 -5.95 -26.69 26.53
N LYS A 196 -4.75 -26.99 26.06
CA LYS A 196 -3.53 -26.76 26.84
C LYS A 196 -2.63 -25.70 26.25
N VAL A 197 -2.24 -25.83 24.98
CA VAL A 197 -1.19 -25.00 24.40
C VAL A 197 -1.84 -23.88 23.61
N TYR A 198 -1.59 -22.64 24.03
CA TYR A 198 -2.09 -21.44 23.37
C TYR A 198 -0.91 -20.73 22.72
N ALA A 199 -0.99 -20.52 21.42
CA ALA A 199 0.14 -20.03 20.66
C ALA A 199 -0.28 -18.92 19.71
N CYS A 200 0.58 -17.90 19.60
CA CYS A 200 0.44 -16.80 18.66
C CYS A 200 1.62 -16.90 17.70
N GLU A 201 1.33 -17.14 16.42
CA GLU A 201 2.37 -17.24 15.40
C GLU A 201 2.32 -16.01 14.51
N VAL A 202 3.48 -15.35 14.35
CA VAL A 202 3.56 -14.05 13.69
C VAL A 202 4.44 -14.18 12.44
N THR A 203 3.93 -13.70 11.31
CA THR A 203 4.66 -13.63 10.05
C THR A 203 4.83 -12.16 9.68
N HIS A 204 6.06 -11.77 9.35
CA HIS A 204 6.37 -10.37 9.05
C HIS A 204 7.65 -10.33 8.23
N GLN A 205 7.76 -9.32 7.35
CA GLN A 205 8.92 -9.23 6.46
C GLN A 205 10.23 -9.17 7.24
N GLY A 206 10.19 -8.64 8.46
CA GLY A 206 11.39 -8.52 9.28
C GLY A 206 11.83 -9.78 9.97
N LEU A 207 11.03 -10.84 9.88
CA LEU A 207 11.34 -12.12 10.50
C LEU A 207 11.73 -13.12 9.41
N SER A 208 12.88 -13.78 9.58
CA SER A 208 13.29 -14.71 8.52
C SER A 208 12.42 -15.96 8.49
N SER A 209 11.72 -16.26 9.58
CA SER A 209 10.70 -17.31 9.59
C SER A 209 9.69 -16.95 10.67
N PRO A 210 8.49 -17.52 10.63
CA PRO A 210 7.44 -17.10 11.58
C PRO A 210 7.85 -17.37 13.01
N VAL A 211 7.48 -16.44 13.89
CA VAL A 211 7.81 -16.48 15.31
C VAL A 211 6.56 -16.88 16.08
N THR A 212 6.71 -17.81 17.02
CA THR A 212 5.61 -18.29 17.84
C THR A 212 5.90 -18.00 19.30
N LYS A 213 4.96 -17.35 19.97
CA LYS A 213 4.96 -17.18 21.41
C LYS A 213 3.79 -17.99 21.97
N SER A 214 4.04 -18.75 23.03
CA SER A 214 3.00 -19.65 23.53
C SER A 214 3.09 -19.79 25.04
N PHE A 215 2.02 -20.32 25.61
CA PHE A 215 1.99 -20.74 27.01
C PHE A 215 1.12 -21.97 27.13
N ASN A 216 1.34 -22.73 28.20
CA ASN A 216 0.49 -23.86 28.57
C ASN A 216 -0.47 -23.39 29.65
N ARG A 217 -1.77 -23.51 29.39
CA ARG A 217 -2.76 -23.14 30.39
C ARG A 217 -2.50 -23.89 31.70
N GLY A 218 -2.47 -23.14 32.80
CA GLY A 218 -2.36 -23.74 34.11
C GLY A 218 -0.96 -24.09 34.53
N GLU A 219 0.03 -23.34 34.07
CA GLU A 219 1.42 -23.56 34.49
C GLU A 219 2.07 -22.24 34.92
N GLU B 1 -4.84 34.39 21.58
CA GLU B 1 -5.01 33.55 20.40
C GLU B 1 -6.49 33.18 20.19
N VAL B 2 -6.84 32.92 18.93
CA VAL B 2 -8.19 32.50 18.59
C VAL B 2 -8.37 31.04 19.01
N GLN B 3 -9.43 30.76 19.77
CA GLN B 3 -9.70 29.41 20.25
C GLN B 3 -11.19 29.09 20.12
N LEU B 4 -11.47 27.83 19.76
CA LEU B 4 -12.84 27.33 19.64
C LEU B 4 -12.94 26.05 20.45
N LEU B 5 -14.04 25.87 21.18
CA LEU B 5 -14.17 24.74 22.09
C LEU B 5 -15.60 24.19 22.04
N GLU B 6 -15.77 23.02 21.43
CA GLU B 6 -17.08 22.39 21.29
C GLU B 6 -17.44 21.57 22.51
N SER B 7 -18.75 21.47 22.76
CA SER B 7 -19.28 20.64 23.82
C SER B 7 -20.67 20.17 23.43
N GLY B 8 -21.19 19.20 24.16
CA GLY B 8 -22.55 18.74 23.98
C GLY B 8 -22.70 17.39 23.33
N GLY B 9 -21.63 16.85 22.74
CA GLY B 9 -21.72 15.55 22.10
C GLY B 9 -21.96 14.44 23.09
N GLY B 10 -22.54 13.36 22.59
CA GLY B 10 -22.84 12.21 23.41
C GLY B 10 -23.67 11.20 22.63
N LEU B 11 -24.13 10.19 23.35
CA LEU B 11 -24.94 9.12 22.77
C LEU B 11 -26.40 9.56 22.66
N VAL B 12 -26.99 9.36 21.49
CA VAL B 12 -28.37 9.76 21.20
C VAL B 12 -29.10 8.59 20.57
N GLN B 13 -30.34 8.37 21.00
CA GLN B 13 -31.20 7.39 20.35
C GLN B 13 -31.50 7.82 18.92
N PRO B 14 -31.64 6.89 17.98
CA PRO B 14 -32.14 7.25 16.66
C PRO B 14 -33.51 7.92 16.75
N GLY B 15 -33.69 8.99 15.98
CA GLY B 15 -34.85 9.85 16.09
C GLY B 15 -34.75 10.91 17.16
N GLY B 16 -33.71 10.89 17.99
CA GLY B 16 -33.56 11.80 19.11
C GLY B 16 -32.91 13.12 18.71
N SER B 17 -32.69 13.94 19.72
CA SER B 17 -32.21 15.31 19.53
C SER B 17 -31.02 15.57 20.45
N LEU B 18 -30.17 16.49 20.01
CA LEU B 18 -29.00 16.92 20.77
C LEU B 18 -28.68 18.35 20.37
N ARG B 19 -28.14 19.13 21.32
CA ARG B 19 -27.67 20.48 21.04
C ARG B 19 -26.17 20.55 21.29
N LEU B 20 -25.43 20.96 20.28
CA LEU B 20 -24.00 21.22 20.38
C LEU B 20 -23.75 22.71 20.60
N SER B 21 -22.67 23.00 21.30
CA SER B 21 -22.25 24.36 21.58
C SER B 21 -20.79 24.51 21.18
N CYS B 22 -20.41 25.72 20.81
CA CYS B 22 -19.02 26.06 20.50
C CYS B 22 -18.74 27.41 21.13
N ALA B 23 -17.84 27.43 22.12
CA ALA B 23 -17.44 28.68 22.76
C ALA B 23 -16.22 29.24 22.07
N ALA B 24 -16.32 30.50 21.66
CA ALA B 24 -15.25 31.19 20.94
C ALA B 24 -14.56 32.18 21.87
N SER B 25 -13.25 32.33 21.73
CA SER B 25 -12.54 33.37 22.46
C SER B 25 -11.41 33.91 21.61
N GLY B 26 -10.95 35.11 21.95
CA GLY B 26 -9.78 35.68 21.34
C GLY B 26 -10.01 36.49 20.08
N PHE B 27 -11.26 36.79 19.75
CA PHE B 27 -11.55 37.62 18.58
C PHE B 27 -12.95 38.20 18.72
N THR B 28 -13.25 39.18 17.86
CA THR B 28 -14.56 39.82 17.85
C THR B 28 -15.51 38.87 17.15
N PHE B 29 -16.28 38.14 17.95
CA PHE B 29 -17.04 36.99 17.46
C PHE B 29 -17.97 37.37 16.31
N SER B 30 -18.72 38.46 16.48
CA SER B 30 -19.73 38.84 15.49
C SER B 30 -19.15 39.32 14.16
N SER B 31 -17.84 39.50 14.05
CA SER B 31 -17.24 39.88 12.78
C SER B 31 -16.94 38.69 11.88
N TYR B 32 -17.23 37.47 12.32
CA TYR B 32 -16.78 36.28 11.60
C TYR B 32 -17.91 35.28 11.39
N ALA B 33 -18.06 34.82 10.15
CA ALA B 33 -18.91 33.68 9.85
C ALA B 33 -18.34 32.42 10.49
N MET B 34 -19.23 31.54 10.95
CA MET B 34 -18.87 30.32 11.66
C MET B 34 -19.57 29.12 11.03
N SER B 35 -18.91 27.97 11.06
CA SER B 35 -19.43 26.78 10.42
C SER B 35 -19.28 25.56 11.32
N TRP B 36 -20.12 24.57 11.05
CA TRP B 36 -19.94 23.23 11.58
C TRP B 36 -19.53 22.31 10.44
N VAL B 37 -18.52 21.48 10.69
CA VAL B 37 -18.01 20.49 9.75
C VAL B 37 -17.88 19.18 10.52
N ARG B 38 -18.32 18.07 9.92
CA ARG B 38 -18.31 16.80 10.65
C ARG B 38 -17.50 15.74 9.92
N GLN B 39 -17.12 14.72 10.69
CA GLN B 39 -16.26 13.65 10.20
C GLN B 39 -16.71 12.34 10.83
N ALA B 40 -17.33 11.48 10.01
CA ALA B 40 -17.74 10.17 10.51
C ALA B 40 -16.48 9.35 10.81
N PRO B 41 -16.55 8.42 11.74
CA PRO B 41 -15.34 7.67 12.13
C PRO B 41 -14.68 7.00 10.92
N GLY B 42 -13.40 7.30 10.73
CA GLY B 42 -12.63 6.75 9.64
C GLY B 42 -12.89 7.36 8.28
N LYS B 43 -13.72 8.40 8.20
CA LYS B 43 -14.15 8.96 6.93
C LYS B 43 -13.60 10.38 6.78
N GLY B 44 -14.03 11.07 5.73
CA GLY B 44 -13.54 12.38 5.41
C GLY B 44 -14.36 13.48 6.06
N LEU B 45 -14.24 14.67 5.49
CA LEU B 45 -14.82 15.88 6.06
C LEU B 45 -16.04 16.32 5.26
N GLU B 46 -17.12 16.66 5.96
CA GLU B 46 -18.37 17.07 5.33
C GLU B 46 -18.86 18.34 6.01
N TRP B 47 -18.92 19.44 5.25
CA TRP B 47 -19.52 20.65 5.80
C TRP B 47 -20.99 20.43 6.10
N VAL B 48 -21.45 20.96 7.24
CA VAL B 48 -22.80 20.74 7.75
C VAL B 48 -23.65 22.02 7.67
N SER B 49 -23.11 23.13 8.14
CA SER B 49 -23.94 24.32 8.32
C SER B 49 -23.06 25.52 8.56
N ALA B 50 -23.58 26.71 8.25
CA ALA B 50 -22.84 27.95 8.48
C ALA B 50 -23.81 29.07 8.84
N ILE B 51 -23.27 30.09 9.49
CA ILE B 51 -24.03 31.25 9.94
C ILE B 51 -23.17 32.49 9.78
N SER B 52 -23.78 33.57 9.31
CA SER B 52 -23.08 34.83 9.16
C SER B 52 -22.71 35.41 10.54
N GLY B 53 -21.75 36.34 10.53
CA GLY B 53 -21.35 37.00 11.77
C GLY B 53 -22.52 37.55 12.57
N SER B 54 -23.47 38.20 11.90
CA SER B 54 -24.63 38.79 12.56
C SER B 54 -25.72 37.78 12.90
N GLY B 55 -25.64 36.57 12.36
CA GLY B 55 -26.71 35.62 12.53
C GLY B 55 -27.89 35.84 11.59
N GLY B 56 -27.78 36.77 10.64
CA GLY B 56 -28.89 37.03 9.76
C GLY B 56 -29.04 36.07 8.60
N SER B 57 -28.09 35.17 8.41
CA SER B 57 -28.10 34.21 7.31
C SER B 57 -27.61 32.87 7.81
N THR B 58 -28.31 31.80 7.42
CA THR B 58 -27.97 30.45 7.83
C THR B 58 -28.05 29.52 6.63
N TYR B 59 -27.11 28.58 6.52
CA TYR B 59 -27.08 27.66 5.38
C TYR B 59 -26.81 26.26 5.87
N TYR B 60 -27.30 25.28 5.13
CA TYR B 60 -27.25 23.88 5.52
C TYR B 60 -26.89 22.98 4.34
N ALA B 61 -26.14 21.93 4.64
CA ALA B 61 -25.97 20.85 3.68
C ALA B 61 -27.30 20.14 3.44
N ASP B 62 -27.48 19.64 2.22
CA ASP B 62 -28.72 18.91 1.92
C ASP B 62 -28.94 17.75 2.88
N SER B 63 -27.86 17.13 3.36
CA SER B 63 -27.97 15.94 4.19
C SER B 63 -28.60 16.23 5.56
N VAL B 64 -28.63 17.49 5.99
CA VAL B 64 -29.19 17.83 7.30
C VAL B 64 -30.32 18.84 7.22
N LYS B 65 -30.65 19.32 6.03
CA LYS B 65 -31.70 20.32 5.87
C LYS B 65 -33.02 19.81 6.45
N GLY B 66 -33.68 20.65 7.22
CA GLY B 66 -34.93 20.27 7.86
C GLY B 66 -34.78 19.58 9.20
N ARG B 67 -33.57 19.17 9.57
CA ARG B 67 -33.34 18.51 10.84
C ARG B 67 -32.43 19.28 11.78
N PHE B 68 -31.45 20.02 11.25
CA PHE B 68 -30.51 20.79 12.05
C PHE B 68 -30.82 22.27 11.96
N THR B 69 -30.54 22.99 13.04
CA THR B 69 -30.65 24.45 13.08
C THR B 69 -29.39 25.04 13.69
N ILE B 70 -28.74 25.93 12.95
CA ILE B 70 -27.56 26.64 13.45
C ILE B 70 -28.00 28.00 13.98
N SER B 71 -27.38 28.42 15.08
CA SER B 71 -27.66 29.72 15.67
C SER B 71 -26.42 30.20 16.41
N ARG B 72 -26.47 31.46 16.85
CA ARG B 72 -25.36 32.00 17.62
C ARG B 72 -25.88 33.06 18.57
N ASP B 73 -25.18 33.21 19.68
CA ASP B 73 -25.47 34.25 20.67
C ASP B 73 -24.27 35.20 20.68
N ASN B 74 -24.42 36.34 19.99
CA ASN B 74 -23.35 37.33 19.91
C ASN B 74 -23.20 38.16 21.16
N SER B 75 -23.89 37.83 22.25
CA SER B 75 -23.58 38.38 23.56
C SER B 75 -22.78 37.41 24.43
N LYS B 76 -22.64 36.17 23.98
CA LYS B 76 -21.99 35.12 24.77
C LYS B 76 -20.86 34.44 24.02
N ASN B 77 -20.50 34.91 22.83
CA ASN B 77 -19.42 34.30 22.05
C ASN B 77 -19.65 32.81 21.86
N THR B 78 -20.89 32.42 21.59
CA THR B 78 -21.20 31.00 21.46
C THR B 78 -21.98 30.72 20.17
N LEU B 79 -21.61 29.63 19.51
CA LEU B 79 -22.26 29.07 18.33
C LEU B 79 -23.00 27.81 18.76
N TYR B 80 -24.16 27.54 18.15
CA TYR B 80 -24.95 26.35 18.50
C TYR B 80 -25.31 25.55 17.26
N LEU B 81 -25.52 24.25 17.46
CA LEU B 81 -26.12 23.39 16.44
C LEU B 81 -27.17 22.52 17.11
N GLN B 82 -28.43 22.77 16.80
CA GLN B 82 -29.55 21.97 17.27
C GLN B 82 -29.79 20.85 16.25
N MET B 83 -29.74 19.60 16.71
CA MET B 83 -29.85 18.46 15.82
C MET B 83 -31.07 17.65 16.25
N ASN B 84 -32.07 17.56 15.37
CA ASN B 84 -33.27 16.79 15.61
C ASN B 84 -33.33 15.61 14.65
N SER B 85 -34.18 14.64 14.98
CA SER B 85 -34.43 13.49 14.11
C SER B 85 -33.11 12.85 13.69
N LEU B 86 -32.26 12.60 14.68
CA LEU B 86 -30.92 12.12 14.39
C LEU B 86 -30.96 10.68 13.87
N ARG B 87 -30.06 10.39 12.94
CA ARG B 87 -29.94 9.10 12.28
C ARG B 87 -28.58 8.49 12.55
N ALA B 88 -28.49 7.17 12.35
CA ALA B 88 -27.22 6.48 12.54
C ALA B 88 -26.11 7.14 11.71
N GLU B 89 -26.42 7.55 10.49
CA GLU B 89 -25.40 8.14 9.62
C GLU B 89 -24.98 9.55 10.03
N ASP B 90 -25.62 10.14 11.04
CA ASP B 90 -25.15 11.39 11.62
C ASP B 90 -24.05 11.18 12.65
N THR B 91 -23.71 9.94 12.97
CA THR B 91 -22.62 9.68 13.90
C THR B 91 -21.33 10.26 13.35
N ALA B 92 -20.67 11.10 14.15
CA ALA B 92 -19.49 11.82 13.67
C ALA B 92 -18.90 12.64 14.80
N VAL B 93 -17.64 13.04 14.60
CA VAL B 93 -17.10 14.18 15.35
C VAL B 93 -17.54 15.46 14.65
N TYR B 94 -18.12 16.38 15.42
CA TYR B 94 -18.57 17.68 14.92
C TYR B 94 -17.58 18.76 15.32
N TYR B 95 -17.07 19.48 14.33
CA TYR B 95 -16.11 20.56 14.53
C TYR B 95 -16.75 21.90 14.28
N CYS B 96 -16.44 22.84 15.17
CA CYS B 96 -16.65 24.26 14.97
C CYS B 96 -15.45 24.83 14.21
N ALA B 97 -15.71 25.71 13.24
CA ALA B 97 -14.61 26.25 12.44
C ALA B 97 -14.89 27.68 11.99
N LYS B 98 -13.85 28.51 12.02
CA LYS B 98 -13.98 29.95 11.85
C LYS B 98 -13.54 30.42 10.45
N ASP B 99 -14.27 31.39 9.91
CA ASP B 99 -13.83 32.10 8.72
C ASP B 99 -12.61 32.95 9.09
N PRO B 100 -11.43 32.72 8.50
CA PRO B 100 -10.25 33.45 8.97
C PRO B 100 -10.23 34.90 8.60
N GLY B 101 -10.94 35.30 7.55
CA GLY B 101 -10.83 36.64 7.02
C GLY B 101 -11.95 37.58 7.44
N GLY B 102 -13.10 37.05 7.83
CA GLY B 102 -14.20 37.90 8.22
C GLY B 102 -15.54 37.23 8.03
N ASP B 103 -16.43 37.93 7.34
CA ASP B 103 -17.83 37.53 7.20
C ASP B 103 -18.12 37.24 5.73
N SER B 104 -17.42 36.26 5.16
CA SER B 104 -17.51 36.00 3.73
C SER B 104 -18.91 35.53 3.37
N SER B 105 -19.33 35.85 2.12
CA SER B 105 -20.66 35.54 1.61
C SER B 105 -20.61 34.49 0.50
N PRO B 106 -21.55 33.53 0.47
CA PRO B 106 -22.48 33.21 1.55
C PRO B 106 -21.71 32.67 2.76
N ALA B 107 -22.27 32.82 3.96
CA ALA B 107 -21.64 32.26 5.14
C ALA B 107 -21.25 30.80 4.90
N GLY B 108 -20.03 30.46 5.25
CA GLY B 108 -19.51 29.13 5.03
C GLY B 108 -18.76 28.95 3.74
N ARG B 109 -18.80 29.90 2.81
CA ARG B 109 -18.03 29.80 1.56
C ARG B 109 -16.64 30.35 1.84
N THR B 110 -15.83 29.53 2.51
CA THR B 110 -14.51 29.97 2.98
C THR B 110 -13.69 28.73 3.29
N TRP B 111 -12.38 28.94 3.45
CA TRP B 111 -11.53 27.99 4.15
C TRP B 111 -11.62 28.29 5.65
N PHE B 112 -11.06 27.40 6.47
CA PHE B 112 -11.33 27.43 7.91
C PHE B 112 -10.06 27.43 8.73
N ASP B 113 -9.99 28.34 9.69
CA ASP B 113 -8.89 28.37 10.65
C ASP B 113 -9.22 29.31 11.78
N PRO B 114 -9.12 28.88 13.05
CA PRO B 114 -8.86 27.49 13.44
C PRO B 114 -10.13 26.64 13.44
N TRP B 115 -9.94 25.37 13.76
CA TRP B 115 -10.99 24.42 14.06
C TRP B 115 -10.92 24.08 15.55
N GLY B 116 -12.06 23.78 16.14
CA GLY B 116 -12.07 23.26 17.50
C GLY B 116 -11.60 21.81 17.55
N GLN B 117 -11.46 21.27 18.77
CA GLN B 117 -11.02 19.89 18.90
C GLN B 117 -12.12 18.89 18.55
N GLY B 118 -13.36 19.32 18.45
CA GLY B 118 -14.47 18.45 18.04
C GLY B 118 -15.21 17.86 19.22
N THR B 119 -16.48 17.51 18.96
CA THR B 119 -17.27 16.77 19.95
C THR B 119 -17.92 15.57 19.28
N LEU B 120 -17.84 14.41 19.93
CA LEU B 120 -18.30 13.15 19.33
C LEU B 120 -19.79 12.95 19.55
N VAL B 121 -20.54 12.76 18.47
CA VAL B 121 -21.96 12.45 18.50
C VAL B 121 -22.14 11.00 18.04
N THR B 122 -22.70 10.15 18.90
CA THR B 122 -22.97 8.76 18.57
C THR B 122 -24.48 8.53 18.55
N VAL B 123 -25.01 8.09 17.41
CA VAL B 123 -26.43 7.83 17.26
C VAL B 123 -26.62 6.33 17.21
N SER B 124 -27.18 5.77 18.28
CA SER B 124 -27.33 4.33 18.42
C SER B 124 -28.39 4.07 19.47
N SER B 125 -29.08 2.94 19.31
CA SER B 125 -30.03 2.48 20.32
C SER B 125 -29.37 1.63 21.40
N ALA B 126 -28.12 1.23 21.21
CA ALA B 126 -27.41 0.43 22.19
C ALA B 126 -27.23 1.21 23.48
N SER B 127 -27.23 0.49 24.60
CA SER B 127 -27.22 1.11 25.91
C SER B 127 -25.80 1.38 26.39
N THR B 128 -25.67 2.41 27.23
CA THR B 128 -24.40 2.74 27.85
C THR B 128 -23.94 1.64 28.80
N LYS B 129 -22.66 1.27 28.71
CA LYS B 129 -22.10 0.28 29.63
C LYS B 129 -20.64 0.60 29.91
N GLY B 130 -20.26 0.56 31.18
CA GLY B 130 -18.89 0.75 31.58
C GLY B 130 -18.07 -0.52 31.42
N PRO B 131 -16.75 -0.37 31.27
CA PRO B 131 -15.90 -1.52 30.99
C PRO B 131 -15.44 -2.26 32.24
N SER B 132 -15.12 -3.53 32.04
CA SER B 132 -14.30 -4.29 32.98
C SER B 132 -12.85 -4.09 32.57
N VAL B 133 -11.95 -4.02 33.54
CA VAL B 133 -10.52 -3.89 33.25
C VAL B 133 -9.79 -5.08 33.86
N PHE B 134 -8.94 -5.70 33.07
CA PHE B 134 -8.21 -6.88 33.51
C PHE B 134 -6.73 -6.66 33.24
N PRO B 135 -5.85 -7.14 34.12
CA PRO B 135 -4.41 -6.96 33.89
C PRO B 135 -3.92 -7.85 32.75
N LEU B 136 -2.95 -7.31 32.00
CA LEU B 136 -2.09 -8.10 31.12
C LEU B 136 -0.75 -8.17 31.86
N ALA B 137 -0.59 -9.19 32.69
CA ALA B 137 0.53 -9.24 33.61
C ALA B 137 1.82 -9.61 32.88
N PRO B 138 2.94 -8.96 33.22
CA PRO B 138 4.22 -9.36 32.61
C PRO B 138 4.68 -10.69 33.16
N SER B 139 5.37 -11.44 32.32
CA SER B 139 5.87 -12.76 32.67
C SER B 139 6.98 -13.12 31.68
N SER B 140 7.46 -14.36 31.77
CA SER B 140 8.50 -14.81 30.86
C SER B 140 8.03 -14.78 29.41
N LYS B 141 6.73 -15.02 29.16
CA LYS B 141 6.17 -14.95 27.82
C LYS B 141 5.93 -13.53 27.35
N SER B 142 6.22 -12.54 28.19
CA SER B 142 6.22 -11.13 27.78
C SER B 142 7.52 -10.46 28.21
N THR B 143 8.62 -11.22 28.27
CA THR B 143 9.92 -10.71 28.66
C THR B 143 10.95 -11.29 27.72
N SER B 144 11.68 -10.42 27.01
CA SER B 144 12.72 -10.83 26.07
C SER B 144 13.93 -9.97 26.29
N GLY B 145 15.02 -10.56 26.79
CA GLY B 145 16.18 -9.77 27.09
C GLY B 145 15.85 -8.74 28.14
N GLY B 146 16.14 -7.48 27.84
CA GLY B 146 16.03 -6.43 28.82
C GLY B 146 14.69 -5.73 28.90
N THR B 147 13.73 -6.08 28.05
CA THR B 147 12.45 -5.38 27.97
C THR B 147 11.30 -6.33 28.26
N ALA B 148 10.37 -5.88 29.11
CA ALA B 148 9.14 -6.60 29.39
C ALA B 148 7.95 -5.77 28.92
N ALA B 149 6.87 -6.45 28.57
CA ALA B 149 5.62 -5.80 28.20
C ALA B 149 4.54 -6.15 29.20
N LEU B 150 3.68 -5.16 29.50
CA LEU B 150 2.56 -5.36 30.41
C LEU B 150 1.44 -4.45 29.94
N GLY B 151 0.26 -4.60 30.51
CA GLY B 151 -0.83 -3.78 30.02
C GLY B 151 -2.13 -4.05 30.73
N CYS B 152 -3.20 -3.47 30.15
CA CYS B 152 -4.55 -3.58 30.67
C CYS B 152 -5.53 -3.81 29.54
N LEU B 153 -6.44 -4.77 29.74
CA LEU B 153 -7.51 -5.06 28.79
C LEU B 153 -8.77 -4.36 29.29
N VAL B 154 -9.34 -3.51 28.44
CA VAL B 154 -10.51 -2.69 28.78
C VAL B 154 -11.67 -3.24 27.95
N LYS B 155 -12.50 -4.08 28.57
CA LYS B 155 -13.43 -4.93 27.81
C LYS B 155 -14.88 -4.56 28.06
N ASP B 156 -15.68 -4.60 26.98
CA ASP B 156 -17.14 -4.58 27.01
C ASP B 156 -17.69 -3.24 27.47
N TYR B 157 -17.50 -2.19 26.68
CA TYR B 157 -18.07 -0.89 27.02
C TYR B 157 -18.77 -0.28 25.81
N PHE B 158 -19.60 0.72 26.08
CA PHE B 158 -20.29 1.47 25.04
C PHE B 158 -20.79 2.76 25.66
N PRO B 159 -20.74 3.89 24.95
CA PRO B 159 -20.15 4.11 23.63
C PRO B 159 -18.68 4.47 23.75
N GLU B 160 -18.04 4.82 22.64
CA GLU B 160 -16.73 5.43 22.72
C GLU B 160 -16.84 6.80 23.38
N PRO B 161 -15.74 7.33 23.93
CA PRO B 161 -14.38 6.77 24.08
C PRO B 161 -14.00 6.40 25.51
N VAL B 162 -12.88 5.69 25.66
CA VAL B 162 -12.23 5.53 26.96
C VAL B 162 -10.84 6.11 26.87
N THR B 163 -10.36 6.64 27.98
CA THR B 163 -8.99 7.12 28.08
C THR B 163 -8.20 6.22 29.01
N VAL B 164 -6.93 6.00 28.69
CA VAL B 164 -6.05 5.19 29.53
C VAL B 164 -4.76 5.97 29.74
N SER B 165 -4.35 6.11 31.00
CA SER B 165 -3.02 6.58 31.35
C SER B 165 -2.34 5.52 32.21
N TRP B 166 -1.05 5.71 32.42
CA TRP B 166 -0.24 4.81 33.24
C TRP B 166 0.43 5.60 34.34
N ASN B 167 0.35 5.11 35.57
CA ASN B 167 0.91 5.77 36.74
C ASN B 167 0.43 7.22 36.82
N SER B 168 -0.86 7.42 36.54
CA SER B 168 -1.49 8.74 36.64
C SER B 168 -0.79 9.78 35.77
N GLY B 169 -0.35 9.36 34.59
CA GLY B 169 0.29 10.25 33.65
C GLY B 169 1.81 10.28 33.71
N ALA B 170 2.41 9.78 34.80
CA ALA B 170 3.85 9.84 34.95
C ALA B 170 4.59 8.93 33.97
N LEU B 171 3.93 7.89 33.43
CA LEU B 171 4.57 6.93 32.53
C LEU B 171 3.98 7.10 31.14
N THR B 172 4.80 7.55 30.19
CA THR B 172 4.31 7.77 28.83
C THR B 172 5.18 7.12 27.77
N SER B 173 6.48 6.98 28.04
CA SER B 173 7.37 6.35 27.08
C SER B 173 6.96 4.90 26.88
N GLY B 174 6.82 4.50 25.62
CA GLY B 174 6.52 3.12 25.30
C GLY B 174 5.08 2.70 25.48
N VAL B 175 4.17 3.63 25.74
CA VAL B 175 2.75 3.31 25.93
C VAL B 175 2.08 3.24 24.56
N HIS B 176 1.31 2.18 24.33
CA HIS B 176 0.42 2.09 23.17
C HIS B 176 -0.99 1.76 23.64
N THR B 177 -1.92 2.67 23.42
CA THR B 177 -3.34 2.40 23.66
C THR B 177 -3.99 2.19 22.31
N PHE B 178 -4.46 0.97 22.08
CA PHE B 178 -4.92 0.56 20.76
C PHE B 178 -6.31 1.12 20.46
N PRO B 179 -6.62 1.34 19.18
CA PRO B 179 -8.01 1.66 18.80
C PRO B 179 -8.95 0.56 19.25
N ALA B 180 -10.14 0.97 19.70
CA ALA B 180 -11.15 0.00 20.10
C ALA B 180 -11.62 -0.86 18.93
N VAL B 181 -11.97 -2.10 19.22
CA VAL B 181 -12.64 -2.98 18.26
C VAL B 181 -14.08 -3.16 18.73
N LEU B 182 -15.02 -3.09 17.78
CA LEU B 182 -16.41 -3.40 18.06
C LEU B 182 -16.59 -4.91 17.96
N GLN B 183 -16.97 -5.54 19.06
CA GLN B 183 -17.22 -6.97 19.13
C GLN B 183 -18.59 -7.29 18.57
N SER B 184 -18.80 -8.57 18.25
CA SER B 184 -20.09 -9.01 17.74
C SER B 184 -21.22 -8.78 18.74
N SER B 185 -20.87 -8.56 20.01
CA SER B 185 -21.86 -8.23 21.02
C SER B 185 -22.36 -6.80 20.92
N GLY B 186 -21.72 -5.97 20.10
CA GLY B 186 -22.05 -4.56 20.07
C GLY B 186 -21.34 -3.71 21.10
N LEU B 187 -20.44 -4.30 21.89
CA LEU B 187 -19.63 -3.60 22.87
C LEU B 187 -18.21 -3.48 22.37
N TYR B 188 -17.54 -2.40 22.76
CA TYR B 188 -16.14 -2.20 22.37
C TYR B 188 -15.21 -2.88 23.36
N SER B 189 -13.96 -3.07 22.91
CA SER B 189 -12.88 -3.54 23.75
C SER B 189 -11.57 -2.99 23.22
N LEU B 190 -10.64 -2.70 24.12
CA LEU B 190 -9.30 -2.33 23.71
C LEU B 190 -8.30 -2.77 24.76
N SER B 191 -7.03 -2.75 24.37
CA SER B 191 -5.92 -2.98 25.30
CA SER B 191 -5.92 -2.98 25.28
C SER B 191 -5.00 -1.77 25.26
N SER B 192 -4.34 -1.53 26.39
CA SER B 192 -3.30 -0.52 26.50
C SER B 192 -2.07 -1.22 27.06
N VAL B 193 -0.93 -1.06 26.41
CA VAL B 193 0.28 -1.78 26.79
C VAL B 193 1.41 -0.78 26.98
N VAL B 194 2.43 -1.21 27.70
CA VAL B 194 3.65 -0.41 27.83
C VAL B 194 4.83 -1.36 27.93
N THR B 195 5.96 -0.97 27.33
CA THR B 195 7.18 -1.74 27.45
C THR B 195 8.12 -1.02 28.41
N VAL B 196 8.76 -1.80 29.29
CA VAL B 196 9.58 -1.24 30.36
C VAL B 196 10.82 -2.12 30.55
N PRO B 197 11.84 -1.62 31.24
CA PRO B 197 13.00 -2.47 31.56
C PRO B 197 12.57 -3.65 32.41
N SER B 198 13.01 -4.85 32.02
CA SER B 198 12.65 -6.03 32.80
C SER B 198 13.31 -6.00 34.18
N SER B 199 14.46 -5.32 34.29
CA SER B 199 15.11 -5.19 35.58
C SER B 199 14.28 -4.39 36.57
N SER B 200 13.28 -3.65 36.10
CA SER B 200 12.45 -2.80 36.95
C SER B 200 11.24 -3.53 37.53
N LEU B 201 10.92 -4.72 37.03
CA LEU B 201 9.65 -5.37 37.39
C LEU B 201 9.55 -5.61 38.89
N GLY B 202 10.63 -6.06 39.51
CA GLY B 202 10.56 -6.44 40.92
C GLY B 202 10.34 -5.28 41.87
N THR B 203 10.57 -4.05 41.43
CA THR B 203 10.53 -2.90 42.33
C THR B 203 9.65 -1.74 41.87
N GLN B 204 9.31 -1.64 40.60
CA GLN B 204 8.55 -0.52 40.08
C GLN B 204 7.07 -0.89 39.99
N THR B 205 6.21 -0.05 40.56
CA THR B 205 4.77 -0.28 40.49
C THR B 205 4.19 0.28 39.19
N TYR B 206 3.27 -0.47 38.60
CA TYR B 206 2.61 -0.06 37.36
C TYR B 206 1.10 -0.16 37.54
N ILE B 207 0.39 0.93 37.29
CA ILE B 207 -1.05 1.01 37.44
C ILE B 207 -1.61 1.68 36.19
N CYS B 208 -2.65 1.09 35.59
CA CYS B 208 -3.34 1.71 34.47
C CYS B 208 -4.58 2.43 34.99
N ASN B 209 -4.79 3.64 34.50
CA ASN B 209 -5.90 4.49 34.93
C ASN B 209 -6.90 4.56 33.77
N VAL B 210 -8.00 3.83 33.91
CA VAL B 210 -9.02 3.76 32.87
C VAL B 210 -10.15 4.71 33.21
N ASN B 211 -10.66 5.42 32.20
CA ASN B 211 -11.73 6.38 32.41
C ASN B 211 -12.72 6.25 31.26
N HIS B 212 -13.98 5.94 31.58
CA HIS B 212 -15.07 5.87 30.61
C HIS B 212 -16.08 6.93 31.02
N LYS B 213 -15.80 8.17 30.65
CA LYS B 213 -16.64 9.31 31.01
C LYS B 213 -18.11 9.13 30.60
N PRO B 214 -18.42 8.48 29.47
CA PRO B 214 -19.85 8.25 29.15
C PRO B 214 -20.62 7.51 30.23
N SER B 215 -19.97 6.67 31.02
CA SER B 215 -20.64 5.94 32.10
C SER B 215 -20.15 6.36 33.48
N ASN B 216 -19.35 7.42 33.56
CA ASN B 216 -18.73 7.86 34.82
C ASN B 216 -18.01 6.70 35.50
N THR B 217 -17.36 5.87 34.70
CA THR B 217 -16.59 4.73 35.20
C THR B 217 -15.13 5.13 35.27
N LYS B 218 -14.54 5.02 36.46
CA LYS B 218 -13.13 5.29 36.66
C LYS B 218 -12.53 4.10 37.39
N VAL B 219 -11.54 3.46 36.76
CA VAL B 219 -10.93 2.25 37.31
C VAL B 219 -9.42 2.41 37.29
N ASP B 220 -8.78 2.13 38.43
CA ASP B 220 -7.32 1.98 38.51
C ASP B 220 -7.01 0.51 38.72
N LYS B 221 -6.17 -0.05 37.87
CA LYS B 221 -5.80 -1.46 37.97
C LYS B 221 -4.29 -1.56 38.10
N LYS B 222 -3.82 -2.08 39.23
CA LYS B 222 -2.40 -2.37 39.39
C LYS B 222 -2.06 -3.66 38.65
N VAL B 223 -0.96 -3.65 37.91
CA VAL B 223 -0.56 -4.76 37.05
C VAL B 223 0.72 -5.35 37.63
N GLU B 224 0.63 -6.55 38.19
CA GLU B 224 1.79 -7.13 38.86
C GLU B 224 2.27 -8.38 38.13
N PRO B 225 3.58 -8.66 38.18
CA PRO B 225 4.15 -9.90 37.63
C PRO B 225 3.62 -11.13 38.35
N ASP C 1 29.61 6.94 -5.03
CA ASP C 1 28.67 6.91 -6.15
C ASP C 1 27.41 7.70 -5.80
N ILE C 2 26.73 8.20 -6.82
CA ILE C 2 25.51 8.97 -6.59
C ILE C 2 24.35 8.02 -6.36
N VAL C 3 23.62 8.21 -5.26
CA VAL C 3 22.48 7.40 -4.91
C VAL C 3 21.22 8.11 -5.38
N MET C 4 20.37 7.39 -6.11
CA MET C 4 19.09 7.93 -6.60
C MET C 4 17.97 7.31 -5.79
N THR C 5 17.09 8.15 -5.23
CA THR C 5 15.99 7.69 -4.39
C THR C 5 14.68 8.20 -4.95
N GLN C 6 13.75 7.28 -5.24
CA GLN C 6 12.44 7.66 -5.76
C GLN C 6 11.37 7.64 -4.66
N SER C 7 10.38 8.55 -4.82
CA SER C 7 9.32 8.69 -3.80
C SER C 7 7.99 8.85 -4.56
N PRO C 8 6.97 8.02 -4.27
CA PRO C 8 6.95 6.87 -3.37
C PRO C 8 7.43 5.63 -4.12
N ASP C 9 7.43 4.47 -3.47
CA ASP C 9 7.77 3.22 -4.15
C ASP C 9 6.64 2.73 -5.02
N SER C 10 5.40 3.07 -4.67
CA SER C 10 4.24 2.68 -5.45
C SER C 10 3.11 3.65 -5.16
N LEU C 11 2.20 3.75 -6.12
CA LEU C 11 1.00 4.55 -5.90
C LEU C 11 -0.05 4.14 -6.92
N ALA C 12 -1.31 4.34 -6.55
CA ALA C 12 -2.44 4.06 -7.43
C ALA C 12 -3.19 5.34 -7.75
N VAL C 13 -3.44 5.58 -9.03
CA VAL C 13 -4.09 6.80 -9.52
C VAL C 13 -5.18 6.39 -10.51
N SER C 14 -6.34 7.06 -10.44
CA SER C 14 -7.44 6.69 -11.34
C SER C 14 -7.21 7.23 -12.75
N LEU C 15 -7.81 6.54 -13.73
CA LEU C 15 -7.74 7.02 -15.11
C LEU C 15 -8.16 8.48 -15.18
N GLY C 16 -7.40 9.26 -15.96
CA GLY C 16 -7.75 10.65 -16.19
C GLY C 16 -7.20 11.62 -15.15
N GLU C 17 -6.69 11.12 -14.03
CA GLU C 17 -6.14 11.98 -12.99
C GLU C 17 -4.64 12.16 -13.19
N ARG C 18 -4.06 13.04 -12.37
CA ARG C 18 -2.63 13.35 -12.47
C ARG C 18 -1.81 12.49 -11.52
N ALA C 19 -0.74 11.89 -12.04
CA ALA C 19 0.18 11.10 -11.24
C ALA C 19 1.51 11.83 -11.18
N THR C 20 2.10 11.92 -9.99
CA THR C 20 3.39 12.59 -9.83
C THR C 20 4.36 11.71 -9.06
N ILE C 21 5.56 11.53 -9.59
CA ILE C 21 6.60 10.68 -9.03
C ILE C 21 7.83 11.55 -8.82
N ASN C 22 8.50 11.38 -7.67
CA ASN C 22 9.66 12.21 -7.35
C ASN C 22 10.94 11.39 -7.35
N CYS C 23 12.05 12.07 -7.62
CA CYS C 23 13.36 11.43 -7.65
C CYS C 23 14.36 12.39 -7.05
N LYS C 24 15.20 11.90 -6.15
CA LYS C 24 16.20 12.74 -5.50
C LYS C 24 17.58 12.11 -5.72
N SER C 25 18.57 12.95 -6.06
CA SER C 25 19.95 12.48 -6.16
C SER C 25 20.73 12.90 -4.92
N SER C 26 21.69 12.05 -4.53
CA SER C 26 22.45 12.31 -3.30
C SER C 26 23.42 13.46 -3.44
N GLN C 27 23.78 13.82 -4.67
CA GLN C 27 24.48 15.06 -4.93
C GLN C 27 23.92 15.66 -6.22
N SER C 28 24.17 16.95 -6.40
CA SER C 28 23.57 17.64 -7.55
C SER C 28 24.07 17.06 -8.87
N VAL C 29 23.16 16.94 -9.83
CA VAL C 29 23.47 16.51 -11.18
C VAL C 29 23.32 17.68 -12.16
N LEU C 30 23.30 18.90 -11.66
CA LEU C 30 23.32 20.10 -12.48
C LEU C 30 24.78 20.51 -12.76
N TYR C 31 25.17 20.51 -14.03
CA TYR C 31 26.48 20.97 -14.46
C TYR C 31 26.44 22.49 -14.53
N SER C 32 27.15 23.16 -13.62
CA SER C 32 27.06 24.61 -13.54
C SER C 32 27.60 25.28 -14.79
N SER C 33 28.38 24.58 -15.61
CA SER C 33 28.99 25.21 -16.77
C SER C 33 28.08 25.23 -18.00
N ASN C 34 27.20 24.24 -18.19
CA ASN C 34 26.24 24.29 -19.28
C ASN C 34 24.78 24.34 -18.82
N ASN C 35 24.54 24.39 -17.52
CA ASN C 35 23.19 24.57 -16.97
C ASN C 35 22.26 23.43 -17.36
N LYS C 36 22.80 22.23 -17.54
CA LYS C 36 22.02 21.04 -17.84
C LYS C 36 21.97 20.12 -16.64
N ASN C 37 20.80 19.51 -16.43
CA ASN C 37 20.61 18.49 -15.41
C ASN C 37 20.77 17.12 -16.06
N TYR C 38 21.71 16.33 -15.55
CA TYR C 38 22.06 15.05 -16.16
C TYR C 38 21.18 13.93 -15.59
N LEU C 39 19.90 13.98 -15.94
CA LEU C 39 18.85 13.16 -15.35
C LEU C 39 17.91 12.64 -16.44
N ALA C 40 17.61 11.34 -16.42
CA ALA C 40 16.68 10.76 -17.38
C ALA C 40 15.59 9.96 -16.66
N TRP C 41 14.47 9.77 -17.35
CA TRP C 41 13.37 8.96 -16.84
C TRP C 41 13.02 7.87 -17.85
N TYR C 42 12.70 6.67 -17.35
CA TYR C 42 12.29 5.55 -18.18
C TYR C 42 10.97 4.97 -17.70
N GLN C 43 10.26 4.34 -18.62
CA GLN C 43 9.06 3.57 -18.34
C GLN C 43 9.36 2.10 -18.63
N GLN C 44 9.01 1.21 -17.70
CA GLN C 44 9.21 -0.22 -17.97
C GLN C 44 7.94 -1.00 -17.67
N LYS C 45 7.37 -1.61 -18.67
CA LYS C 45 6.23 -2.52 -18.45
C LYS C 45 6.72 -3.94 -18.24
N PRO C 46 5.93 -4.77 -17.56
CA PRO C 46 6.40 -6.13 -17.24
C PRO C 46 6.75 -6.92 -18.50
N GLY C 47 7.89 -7.61 -18.43
CA GLY C 47 8.38 -8.38 -19.55
C GLY C 47 9.01 -7.58 -20.65
N GLN C 48 9.01 -6.25 -20.58
CA GLN C 48 9.54 -5.41 -21.63
C GLN C 48 10.81 -4.69 -21.18
N PRO C 49 11.64 -4.24 -22.12
CA PRO C 49 12.78 -3.41 -21.75
C PRO C 49 12.31 -2.04 -21.29
N PRO C 50 13.15 -1.33 -20.53
CA PRO C 50 12.91 0.10 -20.29
C PRO C 50 12.79 0.87 -21.59
N LYS C 51 11.98 1.93 -21.56
CA LYS C 51 11.83 2.84 -22.70
C LYS C 51 12.09 4.25 -22.21
N LEU C 52 12.92 4.99 -22.95
CA LEU C 52 13.24 6.36 -22.58
C LEU C 52 12.02 7.26 -22.69
N LEU C 53 11.75 8.05 -21.64
CA LEU C 53 10.70 9.07 -21.65
C LEU C 53 11.27 10.47 -21.74
N ILE C 54 12.24 10.78 -20.88
CA ILE C 54 12.71 12.13 -20.63
C ILE C 54 14.22 12.07 -20.45
N TYR C 55 14.93 13.07 -20.97
CA TYR C 55 16.35 13.22 -20.67
C TYR C 55 16.62 14.72 -20.47
N TRP C 56 17.81 15.04 -19.96
CA TRP C 56 18.12 16.41 -19.53
C TRP C 56 17.03 16.95 -18.60
N ALA C 57 16.47 16.05 -17.78
CA ALA C 57 15.44 16.34 -16.77
C ALA C 57 14.09 16.75 -17.33
N SER C 58 14.04 17.48 -18.45
CA SER C 58 12.78 17.98 -18.95
C SER C 58 12.56 17.82 -20.46
N THR C 59 13.51 17.25 -21.19
CA THR C 59 13.33 17.09 -22.63
C THR C 59 12.61 15.76 -22.89
N ARG C 60 11.46 15.85 -23.55
CA ARG C 60 10.68 14.66 -23.87
C ARG C 60 11.23 13.99 -25.13
N GLU C 61 11.46 12.69 -25.05
CA GLU C 61 11.92 11.96 -26.22
C GLU C 61 10.86 11.99 -27.31
N SER C 62 11.30 12.10 -28.56
CA SER C 62 10.36 12.12 -29.66
C SER C 62 9.48 10.87 -29.62
N GLY C 63 8.18 11.06 -29.84
CA GLY C 63 7.23 9.99 -29.77
C GLY C 63 6.56 9.79 -28.43
N VAL C 64 7.12 10.33 -27.35
CA VAL C 64 6.46 10.20 -26.05
C VAL C 64 5.31 11.19 -25.98
N PRO C 65 4.11 10.75 -25.56
CA PRO C 65 2.96 11.69 -25.49
C PRO C 65 3.26 12.87 -24.58
N ASP C 66 2.68 14.03 -24.93
CA ASP C 66 3.00 15.23 -24.15
C ASP C 66 2.30 15.26 -22.79
N ARG C 67 1.50 14.25 -22.46
CA ARG C 67 1.01 14.16 -21.08
C ARG C 67 2.13 13.80 -20.10
N PHE C 68 3.28 13.33 -20.59
CA PHE C 68 4.46 13.11 -19.75
C PHE C 68 5.31 14.38 -19.72
N SER C 69 5.68 14.82 -18.52
CA SER C 69 6.60 15.94 -18.39
C SER C 69 7.54 15.72 -17.22
N GLY C 70 8.79 16.12 -17.42
CA GLY C 70 9.81 16.07 -16.39
C GLY C 70 10.14 17.50 -15.94
N SER C 71 10.42 17.64 -14.65
CA SER C 71 10.82 18.94 -14.11
C SER C 71 11.81 18.75 -12.96
N GLY C 72 12.28 19.87 -12.44
CA GLY C 72 13.20 19.87 -11.32
C GLY C 72 14.60 20.28 -11.74
N SER C 73 15.48 20.36 -10.75
CA SER C 73 16.84 20.82 -10.98
C SER C 73 17.69 20.48 -9.77
N GLY C 74 18.99 20.28 -10.01
CA GLY C 74 19.93 20.07 -8.94
C GLY C 74 19.87 18.67 -8.37
N THR C 75 19.16 18.49 -7.26
CA THR C 75 18.97 17.19 -6.65
C THR C 75 17.53 16.72 -6.64
N ASP C 76 16.56 17.56 -7.04
CA ASP C 76 15.15 17.24 -6.86
C ASP C 76 14.42 17.27 -8.19
N PHE C 77 13.85 16.13 -8.58
CA PHE C 77 13.24 15.96 -9.89
C PHE C 77 11.88 15.31 -9.75
N THR C 78 11.06 15.52 -10.78
CA THR C 78 9.68 15.09 -10.75
C THR C 78 9.28 14.65 -12.15
N LEU C 79 8.58 13.51 -12.22
CA LEU C 79 7.91 13.08 -13.44
C LEU C 79 6.42 13.20 -13.21
N THR C 80 5.72 13.90 -14.12
CA THR C 80 4.27 14.02 -13.97
C THR C 80 3.58 13.46 -15.21
N ILE C 81 2.47 12.75 -15.00
CA ILE C 81 1.60 12.31 -16.07
C ILE C 81 0.29 13.05 -15.90
N SER C 82 -0.05 13.93 -16.84
CA SER C 82 -1.11 14.92 -16.61
C SER C 82 -2.50 14.29 -16.57
N SER C 83 -2.71 13.20 -17.31
CA SER C 83 -4.03 12.58 -17.42
C SER C 83 -3.79 11.07 -17.66
N LEU C 84 -3.91 10.28 -16.61
CA LEU C 84 -3.43 8.90 -16.65
C LEU C 84 -4.25 8.05 -17.62
N GLN C 85 -3.55 7.31 -18.47
CA GLN C 85 -4.15 6.39 -19.43
C GLN C 85 -3.77 4.96 -19.06
N ALA C 86 -4.60 4.00 -19.51
CA ALA C 86 -4.37 2.61 -19.14
C ALA C 86 -3.00 2.12 -19.58
N GLU C 87 -2.50 2.59 -20.73
CA GLU C 87 -1.19 2.16 -21.18
C GLU C 87 -0.04 2.74 -20.36
N ASP C 88 -0.31 3.57 -19.36
CA ASP C 88 0.74 4.14 -18.53
C ASP C 88 1.06 3.31 -17.30
N VAL C 89 0.33 2.23 -17.04
CA VAL C 89 0.65 1.38 -15.89
C VAL C 89 2.01 0.72 -16.15
N ALA C 90 2.95 0.95 -15.24
CA ALA C 90 4.35 0.58 -15.48
C ALA C 90 5.14 0.86 -14.23
N VAL C 91 6.41 0.44 -14.26
CA VAL C 91 7.39 0.89 -13.27
C VAL C 91 8.22 1.99 -13.92
N TYR C 92 8.41 3.10 -13.21
CA TYR C 92 9.15 4.24 -13.72
C TYR C 92 10.47 4.37 -12.98
N TYR C 93 11.54 4.63 -13.71
CA TYR C 93 12.88 4.74 -13.15
C TYR C 93 13.48 6.08 -13.53
N CYS C 94 14.15 6.70 -12.57
CA CYS C 94 15.03 7.81 -12.89
C CYS C 94 16.48 7.31 -12.94
N GLN C 95 17.34 8.08 -13.60
CA GLN C 95 18.73 7.66 -13.78
C GLN C 95 19.57 8.93 -13.86
N GLN C 96 20.70 8.97 -13.17
CA GLN C 96 21.66 10.05 -13.37
C GLN C 96 22.77 9.58 -14.32
N TYR C 97 23.27 10.52 -15.11
CA TYR C 97 24.45 10.28 -15.95
C TYR C 97 25.41 11.45 -15.79
N TYR C 98 25.40 12.05 -14.59
CA TYR C 98 26.36 13.09 -14.26
C TYR C 98 27.75 12.52 -14.03
N SER C 99 27.85 11.34 -13.42
CA SER C 99 29.15 10.75 -13.18
C SER C 99 29.04 9.23 -13.20
N THR C 100 30.18 8.59 -13.49
CA THR C 100 30.22 7.14 -13.51
C THR C 100 30.56 6.61 -12.12
N PRO C 101 30.04 5.44 -11.72
CA PRO C 101 29.11 4.62 -12.50
C PRO C 101 27.74 5.25 -12.54
N ILE C 102 27.07 5.18 -13.70
CA ILE C 102 25.70 5.69 -13.73
C ILE C 102 24.85 4.84 -12.82
N THR C 103 23.82 5.46 -12.25
CA THR C 103 22.99 4.80 -11.25
C THR C 103 21.53 5.13 -11.50
N PHE C 104 20.67 4.18 -11.13
CA PHE C 104 19.23 4.28 -11.26
C PHE C 104 18.57 4.37 -9.89
N GLY C 105 17.45 5.07 -9.84
CA GLY C 105 16.54 4.93 -8.72
C GLY C 105 15.96 3.52 -8.66
N GLN C 106 15.31 3.23 -7.55
CA GLN C 106 14.83 1.89 -7.29
C GLN C 106 13.53 1.54 -8.02
N GLY C 107 12.91 2.50 -8.67
CA GLY C 107 11.69 2.28 -9.39
C GLY C 107 10.47 2.68 -8.57
N THR C 108 9.47 3.21 -9.25
CA THR C 108 8.17 3.52 -8.67
C THR C 108 7.12 2.78 -9.47
N ARG C 109 6.34 1.93 -8.82
CA ARG C 109 5.26 1.21 -9.50
C ARG C 109 4.01 2.09 -9.53
N LEU C 110 3.57 2.43 -10.74
CA LEU C 110 2.36 3.24 -10.92
C LEU C 110 1.23 2.29 -11.30
N GLU C 111 0.25 2.18 -10.42
CA GLU C 111 -0.92 1.33 -10.59
C GLU C 111 -2.12 2.20 -10.95
N ILE C 112 -3.11 1.58 -11.57
CA ILE C 112 -4.36 2.25 -11.88
C ILE C 112 -5.37 1.94 -10.79
N LYS C 113 -5.89 2.98 -10.14
CA LYS C 113 -6.98 2.81 -9.21
C LYS C 113 -8.28 2.65 -9.98
N ARG C 114 -9.12 1.70 -9.53
CA ARG C 114 -10.45 1.53 -10.09
C ARG C 114 -11.40 1.26 -8.94
N THR C 115 -12.67 1.01 -9.28
CA THR C 115 -13.65 0.68 -8.25
C THR C 115 -13.35 -0.68 -7.61
N VAL C 116 -13.85 -0.83 -6.38
CA VAL C 116 -13.67 -2.10 -5.68
C VAL C 116 -14.43 -3.20 -6.41
N ALA C 117 -13.77 -4.35 -6.58
CA ALA C 117 -14.37 -5.50 -7.24
C ALA C 117 -14.03 -6.75 -6.44
N ALA C 118 -15.06 -7.44 -5.97
CA ALA C 118 -14.85 -8.64 -5.17
C ALA C 118 -14.34 -9.77 -6.06
N PRO C 119 -13.50 -10.65 -5.53
CA PRO C 119 -13.05 -11.79 -6.34
C PRO C 119 -14.18 -12.78 -6.57
N SER C 120 -14.19 -13.37 -7.76
CA SER C 120 -14.95 -14.58 -7.98
C SER C 120 -14.02 -15.74 -7.68
N VAL C 121 -14.48 -16.71 -6.91
CA VAL C 121 -13.63 -17.76 -6.38
C VAL C 121 -13.98 -19.08 -7.04
N PHE C 122 -12.93 -19.81 -7.47
CA PHE C 122 -13.05 -21.09 -8.16
C PHE C 122 -12.08 -22.08 -7.52
N ILE C 123 -12.46 -23.35 -7.42
CA ILE C 123 -11.58 -24.34 -6.84
C ILE C 123 -11.45 -25.53 -7.79
N PHE C 124 -10.24 -26.06 -7.91
CA PHE C 124 -9.92 -27.15 -8.83
C PHE C 124 -9.29 -28.31 -8.08
N PRO C 125 -9.89 -29.49 -8.08
CA PRO C 125 -9.21 -30.68 -7.55
C PRO C 125 -8.01 -31.03 -8.40
N PRO C 126 -7.08 -31.82 -7.87
CA PRO C 126 -6.00 -32.34 -8.71
C PRO C 126 -6.56 -33.24 -9.80
N SER C 127 -5.85 -33.27 -10.93
CA SER C 127 -6.24 -34.15 -12.02
C SER C 127 -5.92 -35.59 -11.66
N ASP C 128 -6.66 -36.52 -12.28
CA ASP C 128 -6.33 -37.94 -12.13
C ASP C 128 -4.93 -38.22 -12.64
N GLU C 129 -4.52 -37.56 -13.73
CA GLU C 129 -3.19 -37.75 -14.27
C GLU C 129 -2.12 -37.43 -13.24
N GLN C 130 -2.27 -36.30 -12.54
CA GLN C 130 -1.27 -35.93 -11.54
C GLN C 130 -1.29 -36.91 -10.36
N LEU C 131 -2.48 -37.28 -9.89
CA LEU C 131 -2.57 -38.18 -8.73
C LEU C 131 -1.86 -39.49 -9.00
N LYS C 132 -1.98 -40.01 -10.23
CA LYS C 132 -1.30 -41.25 -10.58
C LYS C 132 0.21 -41.17 -10.35
N SER C 133 0.76 -39.96 -10.37
CA SER C 133 2.20 -39.76 -10.20
C SER C 133 2.61 -39.53 -8.75
N GLY C 134 1.67 -39.46 -7.81
CA GLY C 134 2.00 -39.45 -6.39
C GLY C 134 1.85 -38.12 -5.69
N THR C 135 1.46 -37.05 -6.39
CA THR C 135 1.32 -35.72 -5.81
C THR C 135 -0.04 -35.15 -6.15
N ALA C 136 -0.55 -34.30 -5.26
CA ALA C 136 -1.83 -33.63 -5.48
C ALA C 136 -1.63 -32.12 -5.36
N SER C 137 -1.96 -31.40 -6.42
CA SER C 137 -2.04 -29.95 -6.38
C SER C 137 -3.51 -29.55 -6.42
N VAL C 138 -3.96 -28.82 -5.41
CA VAL C 138 -5.31 -28.27 -5.35
C VAL C 138 -5.20 -26.77 -5.57
N VAL C 139 -5.97 -26.23 -6.53
CA VAL C 139 -5.79 -24.85 -6.96
C VAL C 139 -7.04 -24.06 -6.64
N CYS C 140 -6.85 -22.92 -5.98
CA CYS C 140 -7.92 -21.97 -5.70
C CYS C 140 -7.63 -20.72 -6.50
N LEU C 141 -8.60 -20.28 -7.29
CA LEU C 141 -8.46 -19.11 -8.15
C LEU C 141 -9.34 -17.99 -7.61
N LEU C 142 -8.73 -16.82 -7.37
CA LEU C 142 -9.44 -15.60 -7.02
C LEU C 142 -9.36 -14.72 -8.25
N ASN C 143 -10.48 -14.53 -8.93
CA ASN C 143 -10.43 -13.92 -10.26
C ASN C 143 -10.99 -12.51 -10.26
N ASN C 144 -10.24 -11.59 -10.88
CA ASN C 144 -10.71 -10.26 -11.27
C ASN C 144 -11.20 -9.42 -10.10
N PHE C 145 -10.27 -9.07 -9.21
CA PHE C 145 -10.62 -8.31 -8.02
C PHE C 145 -9.77 -7.04 -7.92
N TYR C 146 -10.26 -6.12 -7.10
CA TYR C 146 -9.53 -4.88 -6.85
C TYR C 146 -10.02 -4.36 -5.51
N PRO C 147 -9.14 -3.91 -4.61
CA PRO C 147 -7.69 -3.80 -4.73
C PRO C 147 -6.96 -5.12 -4.55
N ARG C 148 -5.62 -5.05 -4.56
CA ARG C 148 -4.79 -6.26 -4.62
C ARG C 148 -4.82 -7.07 -3.33
N GLU C 149 -5.07 -6.42 -2.20
CA GLU C 149 -5.00 -7.09 -0.91
C GLU C 149 -6.08 -8.15 -0.79
N ALA C 150 -5.67 -9.38 -0.49
CA ALA C 150 -6.62 -10.47 -0.33
C ALA C 150 -6.00 -11.54 0.56
N LYS C 151 -6.84 -12.29 1.25
CA LYS C 151 -6.40 -13.36 2.13
C LYS C 151 -7.03 -14.66 1.67
N VAL C 152 -6.21 -15.70 1.53
CA VAL C 152 -6.68 -17.03 1.15
C VAL C 152 -6.29 -17.99 2.27
N GLN C 153 -7.26 -18.75 2.76
CA GLN C 153 -7.03 -19.72 3.82
C GLN C 153 -7.53 -21.09 3.35
N TRP C 154 -6.66 -22.09 3.37
CA TRP C 154 -7.07 -23.44 3.01
C TRP C 154 -7.58 -24.20 4.23
N LYS C 155 -8.63 -24.98 4.04
CA LYS C 155 -9.17 -25.85 5.08
C LYS C 155 -9.35 -27.24 4.51
N VAL C 156 -8.93 -28.25 5.25
CA VAL C 156 -9.04 -29.64 4.82
C VAL C 156 -9.77 -30.39 5.92
N ASP C 157 -10.97 -30.89 5.60
CA ASP C 157 -11.87 -31.43 6.62
C ASP C 157 -11.98 -30.48 7.81
N ASN C 158 -12.06 -29.19 7.51
CA ASN C 158 -12.24 -28.06 8.40
C ASN C 158 -11.02 -27.71 9.24
N ALA C 159 -9.88 -28.37 9.02
CA ALA C 159 -8.64 -27.99 9.67
C ALA C 159 -7.92 -26.95 8.82
N LEU C 160 -7.64 -25.79 9.42
CA LEU C 160 -6.92 -24.75 8.71
C LEU C 160 -5.47 -25.16 8.49
N GLN C 161 -5.00 -24.93 7.27
CA GLN C 161 -3.68 -25.32 6.82
C GLN C 161 -2.70 -24.18 6.94
N SER C 162 -1.42 -24.54 7.04
CA SER C 162 -0.34 -23.56 6.96
C SER C 162 0.92 -24.25 6.45
N GLY C 163 1.67 -23.53 5.62
CA GLY C 163 3.00 -23.98 5.21
C GLY C 163 3.01 -24.92 4.03
N ASN C 164 1.85 -25.28 3.49
CA ASN C 164 1.78 -26.19 2.35
C ASN C 164 1.08 -25.55 1.15
N SER C 165 1.08 -24.23 1.07
CA SER C 165 0.47 -23.53 -0.05
C SER C 165 1.39 -22.40 -0.52
N GLN C 166 1.26 -22.05 -1.79
CA GLN C 166 1.96 -20.89 -2.35
C GLN C 166 1.00 -20.09 -3.21
N GLU C 167 1.24 -18.79 -3.29
CA GLU C 167 0.37 -17.84 -4.00
C GLU C 167 1.15 -17.14 -5.10
N SER C 168 0.42 -16.78 -6.15
CA SER C 168 0.94 -15.93 -7.20
C SER C 168 -0.16 -14.98 -7.64
N VAL C 169 0.22 -13.74 -7.99
CA VAL C 169 -0.73 -12.70 -8.37
C VAL C 169 -0.31 -12.11 -9.72
N THR C 170 -1.29 -11.90 -10.60
CA THR C 170 -1.02 -11.32 -11.91
C THR C 170 -0.76 -9.82 -11.80
N GLU C 171 -0.14 -9.28 -12.84
CA GLU C 171 -0.14 -7.83 -13.04
C GLU C 171 -1.57 -7.36 -13.31
N GLN C 172 -1.81 -6.07 -13.13
CA GLN C 172 -3.13 -5.52 -13.42
C GLN C 172 -3.53 -5.76 -14.86
N ASP C 173 -4.78 -6.18 -15.06
CA ASP C 173 -5.29 -6.45 -16.40
C ASP C 173 -5.39 -5.17 -17.21
N SER C 174 -5.02 -5.25 -18.49
CA SER C 174 -4.92 -4.06 -19.32
C SER C 174 -6.28 -3.47 -19.69
N LYS C 175 -7.36 -4.25 -19.61
CA LYS C 175 -8.68 -3.76 -20.01
C LYS C 175 -9.59 -3.45 -18.85
N ASP C 176 -9.39 -4.08 -17.69
CA ASP C 176 -10.28 -3.82 -16.56
C ASP C 176 -9.56 -3.50 -15.25
N SER C 177 -8.23 -3.43 -15.25
CA SER C 177 -7.46 -2.97 -14.10
C SER C 177 -7.58 -3.87 -12.88
N THR C 178 -8.08 -5.10 -13.02
CA THR C 178 -8.18 -5.99 -11.88
C THR C 178 -6.94 -6.87 -11.75
N TYR C 179 -6.87 -7.57 -10.62
CA TYR C 179 -5.88 -8.59 -10.33
C TYR C 179 -6.55 -9.96 -10.28
N SER C 180 -5.75 -10.99 -10.46
CA SER C 180 -6.19 -12.34 -10.16
C SER C 180 -5.09 -13.00 -9.34
N LEU C 181 -5.48 -14.00 -8.55
CA LEU C 181 -4.57 -14.66 -7.63
C LEU C 181 -4.81 -16.17 -7.69
N SER C 182 -3.73 -16.93 -7.75
CA SER C 182 -3.80 -18.38 -7.63
C SER C 182 -3.17 -18.81 -6.32
N SER C 183 -3.82 -19.72 -5.60
CA SER C 183 -3.24 -20.36 -4.44
C SER C 183 -3.24 -21.86 -4.67
N THR C 184 -2.08 -22.50 -4.49
CA THR C 184 -1.93 -23.92 -4.77
C THR C 184 -1.56 -24.63 -3.49
N LEU C 185 -2.39 -25.57 -3.08
CA LEU C 185 -2.11 -26.44 -1.95
C LEU C 185 -1.49 -27.72 -2.49
N THR C 186 -0.31 -28.08 -1.98
CA THR C 186 0.39 -29.29 -2.43
C THR C 186 0.40 -30.32 -1.32
N LEU C 187 -0.07 -31.53 -1.63
CA LEU C 187 -0.04 -32.66 -0.71
C LEU C 187 0.46 -33.90 -1.45
N SER C 188 0.98 -34.85 -0.69
CA SER C 188 1.21 -36.17 -1.26
C SER C 188 -0.12 -36.80 -1.64
N LYS C 189 -0.09 -37.73 -2.60
CA LYS C 189 -1.28 -38.50 -2.94
C LYS C 189 -1.91 -39.12 -1.70
N ALA C 190 -1.09 -39.72 -0.83
CA ALA C 190 -1.61 -40.37 0.37
C ALA C 190 -2.34 -39.37 1.27
N ASP C 191 -1.70 -38.22 1.54
CA ASP C 191 -2.34 -37.21 2.37
C ASP C 191 -3.62 -36.69 1.74
N TYR C 192 -3.59 -36.45 0.42
CA TYR C 192 -4.79 -35.95 -0.25
C TYR C 192 -5.95 -36.94 -0.10
N GLU C 193 -5.66 -38.23 -0.22
CA GLU C 193 -6.75 -39.20 -0.20
C GLU C 193 -7.22 -39.56 1.20
N LYS C 194 -6.55 -39.08 2.25
CA LYS C 194 -7.01 -39.32 3.60
C LYS C 194 -8.11 -38.36 4.04
N HIS C 195 -8.49 -37.40 3.20
CA HIS C 195 -9.45 -36.37 3.61
C HIS C 195 -10.51 -36.19 2.54
N LYS C 196 -11.62 -35.56 2.96
CA LYS C 196 -12.83 -35.46 2.16
C LYS C 196 -13.07 -34.04 1.67
N VAL C 197 -13.13 -33.05 2.56
CA VAL C 197 -13.56 -31.71 2.21
C VAL C 197 -12.34 -30.80 2.02
N TYR C 198 -12.23 -30.21 0.84
CA TYR C 198 -11.17 -29.27 0.51
C TYR C 198 -11.80 -27.91 0.24
N ALA C 199 -11.36 -26.89 0.96
CA ALA C 199 -12.00 -25.59 0.88
C ALA C 199 -10.95 -24.49 0.89
N CYS C 200 -11.23 -23.41 0.15
CA CYS C 200 -10.47 -22.18 0.30
C CYS C 200 -11.42 -21.08 0.73
N GLU C 201 -11.05 -20.41 1.82
CA GLU C 201 -11.80 -19.28 2.35
C GLU C 201 -11.10 -17.98 1.97
N VAL C 202 -11.85 -17.05 1.39
CA VAL C 202 -11.31 -15.83 0.79
C VAL C 202 -11.84 -14.61 1.54
N THR C 203 -10.94 -13.71 1.92
CA THR C 203 -11.28 -12.44 2.57
C THR C 203 -10.81 -11.32 1.67
N HIS C 204 -11.68 -10.34 1.42
CA HIS C 204 -11.36 -9.23 0.53
C HIS C 204 -12.32 -8.09 0.82
N GLN C 205 -11.84 -6.85 0.61
CA GLN C 205 -12.62 -5.65 0.89
C GLN C 205 -14.00 -5.66 0.22
N GLY C 206 -14.10 -6.26 -0.96
CA GLY C 206 -15.35 -6.27 -1.69
C GLY C 206 -16.36 -7.29 -1.22
N LEU C 207 -15.98 -8.11 -0.26
CA LEU C 207 -16.86 -9.13 0.31
C LEU C 207 -17.28 -8.71 1.72
N SER C 208 -18.59 -8.79 1.99
CA SER C 208 -19.09 -8.42 3.31
C SER C 208 -18.60 -9.37 4.39
N SER C 209 -18.38 -10.62 4.05
CA SER C 209 -17.83 -11.63 4.95
C SER C 209 -17.02 -12.61 4.12
N PRO C 210 -16.15 -13.40 4.75
CA PRO C 210 -15.34 -14.35 3.97
C PRO C 210 -16.20 -15.33 3.17
N VAL C 211 -15.75 -15.66 1.96
CA VAL C 211 -16.43 -16.59 1.09
C VAL C 211 -15.63 -17.88 1.02
N THR C 212 -16.31 -19.02 0.97
CA THR C 212 -15.68 -20.32 0.90
C THR C 212 -16.14 -21.06 -0.35
N LYS C 213 -15.20 -21.56 -1.14
CA LYS C 213 -15.47 -22.52 -2.19
C LYS C 213 -14.85 -23.84 -1.79
N SER C 214 -15.62 -24.93 -1.92
CA SER C 214 -15.15 -26.23 -1.48
C SER C 214 -15.62 -27.30 -2.45
N PHE C 215 -14.94 -28.45 -2.42
CA PHE C 215 -15.41 -29.66 -3.06
C PHE C 215 -15.20 -30.84 -2.12
N ASN C 216 -15.99 -31.88 -2.32
CA ASN C 216 -15.75 -33.17 -1.69
C ASN C 216 -14.99 -34.04 -2.66
N ARG C 217 -13.89 -34.63 -2.20
CA ARG C 217 -13.05 -35.48 -3.03
C ARG C 217 -13.89 -36.54 -3.73
N GLY C 218 -13.78 -36.58 -5.06
CA GLY C 218 -14.55 -37.55 -5.82
C GLY C 218 -15.96 -37.10 -6.19
N GLU C 219 -16.20 -35.79 -6.26
CA GLU C 219 -17.51 -35.28 -6.68
C GLU C 219 -17.33 -34.09 -7.60
N GLU D 1 15.68 2.78 -38.42
CA GLU D 1 15.51 2.73 -36.97
C GLU D 1 16.64 1.92 -36.32
N VAL D 2 16.97 2.25 -35.09
CA VAL D 2 17.98 1.49 -34.35
C VAL D 2 17.33 0.26 -33.73
N GLN D 3 17.98 -0.89 -33.87
CA GLN D 3 17.51 -2.12 -33.24
C GLN D 3 18.69 -2.82 -32.60
N LEU D 4 18.48 -3.36 -31.39
CA LEU D 4 19.49 -4.10 -30.63
C LEU D 4 18.88 -5.43 -30.21
N LEU D 5 19.66 -6.49 -30.29
CA LEU D 5 19.14 -7.82 -29.97
C LEU D 5 20.21 -8.66 -29.28
N GLU D 6 19.95 -9.02 -28.02
CA GLU D 6 20.86 -9.82 -27.23
C GLU D 6 20.60 -11.29 -27.44
N SER D 7 21.66 -12.09 -27.30
CA SER D 7 21.53 -13.54 -27.32
C SER D 7 22.65 -14.14 -26.48
N GLY D 8 22.55 -15.43 -26.21
CA GLY D 8 23.59 -16.12 -25.49
C GLY D 8 23.26 -16.43 -24.04
N GLY D 9 22.14 -15.95 -23.53
CA GLY D 9 21.76 -16.27 -22.17
C GLY D 9 21.31 -17.71 -22.02
N GLY D 10 21.36 -18.17 -20.77
CA GLY D 10 20.98 -19.54 -20.47
C GLY D 10 21.30 -19.86 -19.03
N LEU D 11 21.30 -21.15 -18.73
CA LEU D 11 21.55 -21.66 -17.39
C LEU D 11 22.97 -22.18 -17.29
N VAL D 12 23.72 -21.67 -16.31
CA VAL D 12 25.03 -22.22 -15.95
C VAL D 12 25.09 -22.36 -14.43
N GLN D 13 26.02 -23.19 -13.98
CA GLN D 13 26.21 -23.39 -12.55
C GLN D 13 27.14 -22.32 -11.99
N PRO D 14 27.12 -22.10 -10.68
CA PRO D 14 28.11 -21.20 -10.07
C PRO D 14 29.51 -21.63 -10.47
N GLY D 15 30.34 -20.64 -10.80
CA GLY D 15 31.66 -20.89 -11.34
C GLY D 15 31.71 -21.02 -12.85
N GLY D 16 30.57 -21.13 -13.52
CA GLY D 16 30.56 -21.31 -14.96
C GLY D 16 30.78 -20.00 -15.71
N SER D 17 30.67 -20.09 -17.03
CA SER D 17 30.89 -18.94 -17.89
C SER D 17 29.90 -18.94 -19.04
N LEU D 18 29.63 -17.73 -19.55
CA LEU D 18 28.72 -17.51 -20.66
C LEU D 18 29.26 -16.32 -21.46
N ARG D 19 29.04 -16.34 -22.77
CA ARG D 19 29.34 -15.17 -23.60
C ARG D 19 28.04 -14.64 -24.17
N LEU D 20 27.68 -13.40 -23.82
CA LEU D 20 26.52 -12.74 -24.41
C LEU D 20 26.93 -11.98 -25.67
N SER D 21 26.01 -11.91 -26.62
CA SER D 21 26.18 -11.13 -27.84
C SER D 21 25.02 -10.13 -27.97
N CYS D 22 25.30 -9.00 -28.57
CA CYS D 22 24.27 -7.99 -28.88
C CYS D 22 24.47 -7.54 -30.32
N ALA D 23 23.52 -7.90 -31.19
CA ALA D 23 23.54 -7.49 -32.59
C ALA D 23 22.90 -6.11 -32.73
N ALA D 24 23.56 -5.23 -33.47
CA ALA D 24 23.07 -3.86 -33.64
C ALA D 24 22.79 -3.62 -35.11
N SER D 25 21.79 -2.78 -35.38
CA SER D 25 21.47 -2.41 -36.75
C SER D 25 20.89 -1.01 -36.76
N GLY D 26 20.98 -0.37 -37.93
CA GLY D 26 20.35 0.91 -38.14
C GLY D 26 21.17 2.14 -37.78
N PHE D 27 22.46 1.98 -37.49
CA PHE D 27 23.32 3.11 -37.18
C PHE D 27 24.75 2.70 -37.43
N THR D 28 25.63 3.69 -37.47
CA THR D 28 27.08 3.48 -37.60
C THR D 28 27.58 3.04 -36.23
N PHE D 29 27.79 1.73 -36.10
CA PHE D 29 28.00 1.10 -34.80
C PHE D 29 29.16 1.73 -34.04
N SER D 30 30.31 1.88 -34.71
CA SER D 30 31.52 2.36 -34.04
C SER D 30 31.46 3.83 -33.63
N SER D 31 30.43 4.56 -34.03
CA SER D 31 30.26 5.95 -33.60
C SER D 31 29.57 6.06 -32.24
N TYR D 32 29.21 4.96 -31.59
CA TYR D 32 28.39 5.02 -30.39
C TYR D 32 28.94 4.13 -29.29
N ALA D 33 29.03 4.69 -28.09
CA ALA D 33 29.32 3.89 -26.91
C ALA D 33 28.15 2.96 -26.62
N MET D 34 28.48 1.77 -26.09
CA MET D 34 27.48 0.75 -25.78
C MET D 34 27.67 0.27 -24.35
N SER D 35 26.56 -0.13 -23.73
CA SER D 35 26.59 -0.59 -22.34
C SER D 35 25.77 -1.86 -22.17
N TRP D 36 26.11 -2.59 -21.12
CA TRP D 36 25.28 -3.68 -20.59
C TRP D 36 24.69 -3.23 -19.26
N VAL D 37 23.39 -3.47 -19.08
CA VAL D 37 22.64 -3.15 -17.88
C VAL D 37 21.81 -4.38 -17.55
N ARG D 38 21.78 -4.80 -16.28
CA ARG D 38 21.08 -6.03 -15.94
C ARG D 38 19.99 -5.77 -14.90
N GLN D 39 19.07 -6.73 -14.83
CA GLN D 39 17.92 -6.60 -13.94
C GLN D 39 17.61 -7.98 -13.36
N ALA D 40 17.91 -8.16 -12.08
CA ALA D 40 17.57 -9.40 -11.41
C ALA D 40 16.06 -9.53 -11.31
N PRO D 41 15.52 -10.74 -11.30
CA PRO D 41 14.06 -10.89 -11.36
C PRO D 41 13.37 -10.15 -10.22
N GLY D 42 12.46 -9.27 -10.59
CA GLY D 42 11.71 -8.48 -9.63
C GLY D 42 12.47 -7.32 -9.00
N LYS D 43 13.71 -7.05 -9.43
CA LYS D 43 14.50 -5.99 -8.84
C LYS D 43 14.71 -4.86 -9.85
N GLY D 44 15.61 -3.94 -9.53
CA GLY D 44 15.84 -2.77 -10.35
C GLY D 44 16.91 -2.94 -11.39
N LEU D 45 17.34 -1.83 -11.95
CA LEU D 45 18.32 -1.79 -13.03
C LEU D 45 19.71 -1.50 -12.47
N GLU D 46 20.70 -2.30 -12.89
CA GLU D 46 22.08 -2.17 -12.45
C GLU D 46 22.99 -2.11 -13.66
N TRP D 47 23.70 -1.00 -13.83
CA TRP D 47 24.68 -0.92 -14.89
C TRP D 47 25.82 -1.90 -14.62
N VAL D 48 26.26 -2.58 -15.68
CA VAL D 48 27.26 -3.64 -15.60
C VAL D 48 28.59 -3.21 -16.21
N SER D 49 28.57 -2.72 -17.45
CA SER D 49 29.79 -2.48 -18.19
C SER D 49 29.51 -1.58 -19.38
N ALA D 50 30.54 -0.89 -19.85
CA ALA D 50 30.42 0.01 -20.99
C ALA D 50 31.70 -0.03 -21.80
N ILE D 51 31.57 0.31 -23.09
CA ILE D 51 32.71 0.30 -24.01
C ILE D 51 32.54 1.46 -24.98
N SER D 52 33.64 2.15 -25.27
CA SER D 52 33.60 3.25 -26.22
C SER D 52 33.34 2.73 -27.64
N GLY D 53 32.97 3.66 -28.53
CA GLY D 53 32.70 3.31 -29.91
C GLY D 53 33.82 2.51 -30.57
N SER D 54 35.06 2.92 -30.32
CA SER D 54 36.24 2.27 -30.90
C SER D 54 36.66 1.01 -30.16
N GLY D 55 36.14 0.78 -28.96
CA GLY D 55 36.60 -0.32 -28.15
C GLY D 55 37.84 -0.01 -27.33
N GLY D 56 38.38 1.19 -27.43
CA GLY D 56 39.61 1.54 -26.74
C GLY D 56 39.46 1.87 -25.28
N SER D 57 38.23 1.93 -24.76
CA SER D 57 37.95 2.29 -23.38
CA SER D 57 37.97 2.28 -23.38
C SER D 57 36.85 1.40 -22.87
N THR D 58 37.06 0.80 -21.69
CA THR D 58 36.09 -0.09 -21.08
C THR D 58 35.96 0.24 -19.62
N TYR D 59 34.76 0.03 -19.08
CA TYR D 59 34.48 0.29 -17.67
C TYR D 59 33.56 -0.79 -17.11
N TYR D 60 33.70 -1.05 -15.82
CA TYR D 60 32.95 -2.13 -15.17
C TYR D 60 32.40 -1.69 -13.83
N ALA D 61 31.21 -2.19 -13.51
CA ALA D 61 30.74 -2.11 -12.14
C ALA D 61 31.66 -2.88 -11.21
N ASP D 62 31.82 -2.37 -9.99
CA ASP D 62 32.64 -3.07 -9.00
C ASP D 62 32.18 -4.51 -8.81
N SER D 63 30.86 -4.74 -8.92
CA SER D 63 30.27 -6.07 -8.69
C SER D 63 30.77 -7.12 -9.67
N VAL D 64 31.30 -6.73 -10.82
CA VAL D 64 31.72 -7.66 -11.86
C VAL D 64 33.18 -7.50 -12.25
N LYS D 65 33.91 -6.59 -11.62
CA LYS D 65 35.29 -6.32 -11.98
C LYS D 65 36.14 -7.58 -11.86
N GLY D 66 36.93 -7.86 -12.91
CA GLY D 66 37.80 -9.01 -12.94
C GLY D 66 37.15 -10.28 -13.44
N ARG D 67 35.82 -10.35 -13.45
CA ARG D 67 35.10 -11.53 -13.88
C ARG D 67 34.46 -11.38 -15.26
N PHE D 68 34.00 -10.17 -15.61
CA PHE D 68 33.37 -9.90 -16.88
C PHE D 68 34.31 -9.09 -17.78
N THR D 69 34.22 -9.32 -19.09
CA THR D 69 34.98 -8.54 -20.06
C THR D 69 34.05 -8.12 -21.19
N ILE D 70 33.95 -6.81 -21.41
CA ILE D 70 33.16 -6.28 -22.52
C ILE D 70 34.09 -6.08 -23.72
N SER D 71 33.56 -6.31 -24.92
CA SER D 71 34.32 -6.15 -26.17
C SER D 71 33.33 -5.92 -27.30
N ARG D 72 33.85 -5.52 -28.46
CA ARG D 72 32.97 -5.30 -29.60
C ARG D 72 33.74 -5.61 -30.88
N ASP D 73 32.99 -5.99 -31.90
CA ASP D 73 33.54 -6.26 -33.23
C ASP D 73 32.94 -5.21 -34.17
N ASN D 74 33.70 -4.15 -34.44
CA ASN D 74 33.24 -3.05 -35.28
C ASN D 74 33.33 -3.38 -36.77
N SER D 75 33.52 -4.64 -37.13
CA SER D 75 33.25 -5.08 -38.49
C SER D 75 31.99 -5.93 -38.58
N LYS D 76 31.43 -6.34 -37.45
CA LYS D 76 30.26 -7.22 -37.44
C LYS D 76 29.09 -6.64 -36.67
N ASN D 77 29.13 -5.36 -36.31
CA ASN D 77 28.02 -4.71 -35.62
C ASN D 77 27.59 -5.48 -34.37
N THR D 78 28.56 -6.00 -33.64
CA THR D 78 28.25 -6.87 -32.50
C THR D 78 29.01 -6.45 -31.26
N LEU D 79 28.29 -6.39 -30.14
CA LEU D 79 28.80 -6.15 -28.80
C LEU D 79 28.83 -7.48 -28.04
N TYR D 80 29.85 -7.67 -27.19
CA TYR D 80 29.96 -8.91 -26.42
C TYR D 80 30.10 -8.63 -24.92
N LEU D 81 29.70 -9.61 -24.12
CA LEU D 81 30.01 -9.61 -22.69
C LEU D 81 30.44 -11.02 -22.31
N GLN D 82 31.73 -11.20 -22.02
CA GLN D 82 32.25 -12.48 -21.58
C GLN D 82 32.11 -12.53 -20.06
N MET D 83 31.34 -13.49 -19.56
CA MET D 83 31.02 -13.56 -18.13
C MET D 83 31.64 -14.82 -17.57
N ASN D 84 32.69 -14.67 -16.76
CA ASN D 84 33.37 -15.80 -16.13
C ASN D 84 33.08 -15.81 -14.63
N SER D 85 33.40 -16.96 -14.01
CA SER D 85 33.26 -17.13 -12.55
C SER D 85 31.91 -16.65 -12.05
N LEU D 86 30.85 -17.10 -12.73
CA LEU D 86 29.52 -16.59 -12.44
C LEU D 86 29.04 -17.03 -11.06
N ARG D 87 28.23 -16.16 -10.45
CA ARG D 87 27.68 -16.35 -9.12
C ARG D 87 26.16 -16.30 -9.18
N ALA D 88 25.51 -16.91 -8.17
CA ALA D 88 24.05 -16.87 -8.10
C ALA D 88 23.51 -15.45 -8.27
N GLU D 89 24.15 -14.47 -7.64
CA GLU D 89 23.62 -13.12 -7.66
C GLU D 89 23.83 -12.41 -9.00
N ASP D 90 24.49 -13.05 -9.96
CA ASP D 90 24.55 -12.57 -11.34
C ASP D 90 23.32 -12.96 -12.15
N THR D 91 22.41 -13.75 -11.58
CA THR D 91 21.19 -14.11 -12.28
C THR D 91 20.39 -12.84 -12.59
N ALA D 92 20.02 -12.66 -13.86
CA ALA D 92 19.36 -11.44 -14.28
C ALA D 92 19.06 -11.51 -15.77
N VAL D 93 18.15 -10.65 -16.21
CA VAL D 93 18.01 -10.32 -17.61
C VAL D 93 19.08 -9.29 -17.96
N TYR D 94 19.89 -9.56 -18.98
CA TYR D 94 20.95 -8.67 -19.40
C TYR D 94 20.52 -7.93 -20.66
N TYR D 95 20.58 -6.60 -20.60
CA TYR D 95 20.21 -5.72 -21.69
C TYR D 95 21.46 -5.06 -22.26
N CYS D 96 21.54 -4.96 -23.58
CA CYS D 96 22.46 -4.00 -24.15
C CYS D 96 21.69 -2.71 -24.42
N ALA D 97 22.42 -1.59 -24.41
CA ALA D 97 21.79 -0.29 -24.53
C ALA D 97 22.77 0.69 -25.18
N LYS D 98 22.22 1.60 -25.98
CA LYS D 98 23.01 2.46 -26.83
C LYS D 98 23.06 3.90 -26.31
N ASP D 99 24.22 4.52 -26.43
CA ASP D 99 24.36 5.96 -26.23
C ASP D 99 23.61 6.69 -27.34
N PRO D 100 22.56 7.46 -27.03
CA PRO D 100 21.76 8.06 -28.12
C PRO D 100 22.47 9.16 -28.87
N GLY D 101 23.46 9.82 -28.27
CA GLY D 101 24.04 10.99 -28.88
C GLY D 101 25.38 10.77 -29.56
N GLY D 102 26.05 9.65 -29.27
CA GLY D 102 27.37 9.44 -29.82
C GLY D 102 28.28 8.62 -28.94
N ASP D 103 29.50 9.11 -28.75
CA ASP D 103 30.55 8.39 -28.08
C ASP D 103 30.95 9.16 -26.83
N SER D 104 30.01 9.29 -25.89
CA SER D 104 30.20 10.15 -24.73
C SER D 104 31.28 9.59 -23.81
N SER D 105 31.96 10.51 -23.08
CA SER D 105 33.05 10.16 -22.18
C SER D 105 32.69 10.46 -20.73
N PRO D 106 33.04 9.56 -19.79
CA PRO D 106 33.59 8.23 -20.04
C PRO D 106 32.54 7.36 -20.70
N ALA D 107 32.98 6.31 -21.40
CA ALA D 107 32.04 5.36 -22.00
C ALA D 107 31.02 4.89 -20.96
N GLY D 108 29.75 4.98 -21.33
CA GLY D 108 28.68 4.60 -20.44
C GLY D 108 28.11 5.71 -19.60
N ARG D 109 28.74 6.90 -19.58
CA ARG D 109 28.19 8.03 -18.84
C ARG D 109 27.14 8.73 -19.72
N THR D 110 25.96 8.11 -19.78
CA THR D 110 24.91 8.55 -20.69
C THR D 110 23.59 7.96 -20.23
N TRP D 111 22.50 8.54 -20.74
CA TRP D 111 21.22 7.84 -20.75
C TRP D 111 21.22 6.90 -21.96
N PHE D 112 20.18 6.07 -22.07
CA PHE D 112 20.20 4.96 -23.01
C PHE D 112 18.94 4.91 -23.84
N ASP D 113 19.12 4.79 -25.16
CA ASP D 113 18.01 4.60 -26.08
C ASP D 113 18.54 4.15 -27.43
N PRO D 114 18.05 3.04 -27.99
CA PRO D 114 17.11 2.12 -27.34
C PRO D 114 17.83 1.09 -26.48
N TRP D 115 17.04 0.21 -25.88
CA TRP D 115 17.50 -1.00 -25.21
C TRP D 115 17.13 -2.21 -26.05
N GLY D 116 17.87 -3.31 -25.88
CA GLY D 116 17.49 -4.56 -26.50
C GLY D 116 16.34 -5.22 -25.77
N GLN D 117 16.04 -6.44 -26.19
CA GLN D 117 14.94 -7.21 -25.61
C GLN D 117 15.32 -7.88 -24.30
N GLY D 118 16.61 -8.02 -24.05
CA GLY D 118 17.22 -8.69 -22.91
C GLY D 118 17.39 -10.18 -23.14
N THR D 119 18.37 -10.74 -22.46
CA THR D 119 18.60 -12.18 -22.50
C THR D 119 18.79 -12.66 -21.07
N LEU D 120 18.11 -13.75 -20.71
CA LEU D 120 18.06 -14.19 -19.32
C LEU D 120 19.24 -15.11 -18.99
N VAL D 121 19.97 -14.76 -17.94
CA VAL D 121 21.08 -15.55 -17.42
C VAL D 121 20.67 -16.08 -16.06
N THR D 122 20.66 -17.40 -15.90
CA THR D 122 20.34 -18.04 -14.63
C THR D 122 21.56 -18.78 -14.14
N VAL D 123 22.03 -18.46 -12.94
CA VAL D 123 23.19 -19.11 -12.34
C VAL D 123 22.69 -19.93 -11.17
N SER D 124 22.72 -21.25 -11.32
CA SER D 124 22.11 -22.14 -10.34
C SER D 124 22.72 -23.52 -10.50
N SER D 125 22.72 -24.29 -9.40
CA SER D 125 23.12 -25.69 -9.46
C SER D 125 21.99 -26.62 -9.88
N ALA D 126 20.76 -26.13 -9.95
CA ALA D 126 19.64 -26.96 -10.36
C ALA D 126 19.76 -27.35 -11.84
N SER D 127 19.25 -28.53 -12.16
CA SER D 127 19.32 -29.05 -13.52
C SER D 127 18.08 -28.66 -14.32
N THR D 128 18.26 -28.56 -15.64
CA THR D 128 17.15 -28.29 -16.53
C THR D 128 16.12 -29.40 -16.43
N LYS D 129 14.85 -29.03 -16.29
CA LYS D 129 13.77 -30.00 -16.20
C LYS D 129 12.55 -29.44 -16.90
N GLY D 130 11.91 -30.25 -17.74
CA GLY D 130 10.71 -29.83 -18.42
C GLY D 130 9.49 -30.05 -17.55
N PRO D 131 8.44 -29.26 -17.78
CA PRO D 131 7.24 -29.33 -16.93
C PRO D 131 6.30 -30.46 -17.31
N SER D 132 5.54 -30.89 -16.31
CA SER D 132 4.34 -31.69 -16.53
C SER D 132 3.16 -30.75 -16.60
N VAL D 133 2.23 -31.02 -17.52
CA VAL D 133 1.10 -30.12 -17.74
C VAL D 133 -0.17 -30.88 -17.38
N PHE D 134 -0.93 -30.34 -16.43
CA PHE D 134 -2.17 -30.98 -16.00
C PHE D 134 -3.35 -30.04 -16.22
N PRO D 135 -4.52 -30.58 -16.52
CA PRO D 135 -5.70 -29.73 -16.71
C PRO D 135 -6.24 -29.24 -15.38
N LEU D 136 -6.77 -28.02 -15.43
CA LEU D 136 -7.63 -27.46 -14.39
C LEU D 136 -9.04 -27.49 -14.98
N ALA D 137 -9.74 -28.60 -14.77
CA ALA D 137 -10.94 -28.83 -15.57
C ALA D 137 -12.12 -28.02 -15.03
N PRO D 138 -12.95 -27.49 -15.92
CA PRO D 138 -14.14 -26.76 -15.47
C PRO D 138 -15.14 -27.71 -14.80
N SER D 139 -15.78 -27.21 -13.76
CA SER D 139 -16.76 -27.99 -13.01
C SER D 139 -17.77 -27.04 -12.40
N SER D 140 -18.70 -27.61 -11.61
CA SER D 140 -19.67 -26.79 -10.91
C SER D 140 -19.04 -25.95 -9.81
N LYS D 141 -17.88 -26.35 -9.30
CA LYS D 141 -17.12 -25.57 -8.34
C LYS D 141 -16.19 -24.57 -9.01
N SER D 142 -16.30 -24.43 -10.33
CA SER D 142 -15.48 -23.52 -11.11
C SER D 142 -16.35 -22.62 -11.99
N THR D 143 -17.47 -22.13 -11.43
CA THR D 143 -18.35 -21.21 -12.13
C THR D 143 -18.64 -19.96 -11.27
N SER D 144 -18.90 -18.86 -11.97
CA SER D 144 -19.35 -17.61 -11.36
C SER D 144 -20.61 -17.22 -12.12
N GLY D 145 -21.76 -17.70 -11.65
CA GLY D 145 -23.01 -17.53 -12.37
C GLY D 145 -22.99 -18.35 -13.64
N GLY D 146 -23.15 -17.70 -14.78
CA GLY D 146 -23.02 -18.32 -16.08
C GLY D 146 -21.63 -18.33 -16.67
N THR D 147 -20.60 -18.00 -15.88
CA THR D 147 -19.24 -17.94 -16.36
C THR D 147 -18.43 -19.05 -15.70
N ALA D 148 -17.65 -19.77 -16.50
CA ALA D 148 -16.83 -20.85 -15.99
C ALA D 148 -15.35 -20.56 -16.15
N ALA D 149 -14.55 -21.11 -15.25
CA ALA D 149 -13.09 -20.98 -15.29
C ALA D 149 -12.48 -22.35 -15.57
N LEU D 150 -11.41 -22.35 -16.35
CA LEU D 150 -10.65 -23.56 -16.63
C LEU D 150 -9.20 -23.16 -16.84
N GLY D 151 -8.30 -24.14 -16.87
CA GLY D 151 -6.91 -23.75 -17.01
C GLY D 151 -5.98 -24.93 -17.20
N CYS D 152 -4.69 -24.63 -17.05
CA CYS D 152 -3.64 -25.64 -17.10
C CYS D 152 -2.65 -25.36 -15.98
N LEU D 153 -2.22 -26.43 -15.31
CA LEU D 153 -1.18 -26.36 -14.30
C LEU D 153 0.13 -26.83 -14.93
N VAL D 154 1.13 -25.96 -14.91
CA VAL D 154 2.43 -26.20 -15.53
C VAL D 154 3.42 -26.39 -14.37
N LYS D 155 3.73 -27.64 -14.05
CA LYS D 155 4.36 -27.94 -12.78
C LYS D 155 5.74 -28.55 -12.96
N ASP D 156 6.68 -28.11 -12.11
CA ASP D 156 7.97 -28.74 -11.89
C ASP D 156 8.92 -28.57 -13.08
N TYR D 157 9.30 -27.33 -13.38
CA TYR D 157 10.26 -27.07 -14.45
C TYR D 157 11.38 -26.17 -13.96
N PHE D 158 12.47 -26.17 -14.72
CA PHE D 158 13.60 -25.31 -14.41
C PHE D 158 14.49 -25.24 -15.64
N PRO D 159 15.06 -24.08 -16.00
CA PRO D 159 14.90 -22.75 -15.40
C PRO D 159 13.69 -22.05 -15.97
N GLU D 160 13.48 -20.79 -15.62
CA GLU D 160 12.55 -19.98 -16.38
C GLU D 160 13.09 -19.79 -17.79
N PRO D 161 12.23 -19.46 -18.76
CA PRO D 161 10.78 -19.21 -18.70
C PRO D 161 9.95 -20.31 -19.33
N VAL D 162 8.65 -20.33 -19.02
CA VAL D 162 7.68 -21.04 -19.83
C VAL D 162 6.77 -19.99 -20.45
N THR D 163 6.28 -20.31 -21.64
CA THR D 163 5.21 -19.54 -22.24
C THR D 163 3.96 -20.40 -22.30
N VAL D 164 2.81 -19.76 -22.12
CA VAL D 164 1.53 -20.42 -22.27
C VAL D 164 0.66 -19.54 -23.17
N SER D 165 0.08 -20.14 -24.19
CA SER D 165 -0.97 -19.48 -24.95
C SER D 165 -2.18 -20.40 -24.97
N TRP D 166 -3.30 -19.87 -25.43
CA TRP D 166 -4.53 -20.62 -25.59
C TRP D 166 -4.97 -20.56 -27.04
N ASN D 167 -5.36 -21.71 -27.59
CA ASN D 167 -5.74 -21.86 -28.99
C ASN D 167 -4.76 -21.15 -29.93
N SER D 168 -3.47 -21.44 -29.73
CA SER D 168 -2.39 -20.94 -30.59
C SER D 168 -2.40 -19.41 -30.68
N GLY D 169 -2.80 -18.75 -29.59
CA GLY D 169 -2.88 -17.30 -29.56
C GLY D 169 -4.19 -16.71 -30.02
N ALA D 170 -5.15 -17.53 -30.44
CA ALA D 170 -6.45 -17.00 -30.83
C ALA D 170 -7.27 -16.55 -29.63
N LEU D 171 -7.08 -17.21 -28.48
CA LEU D 171 -7.81 -16.90 -27.25
C LEU D 171 -6.91 -16.08 -26.35
N THR D 172 -7.24 -14.80 -26.19
CA THR D 172 -6.56 -13.92 -25.26
C THR D 172 -7.50 -13.29 -24.25
N SER D 173 -8.78 -13.16 -24.58
CA SER D 173 -9.76 -12.56 -23.69
C SER D 173 -10.01 -13.46 -22.47
N GLY D 174 -9.89 -12.88 -21.29
CA GLY D 174 -10.15 -13.59 -20.06
C GLY D 174 -9.04 -14.50 -19.59
N VAL D 175 -7.90 -14.54 -20.29
CA VAL D 175 -6.78 -15.42 -19.94
C VAL D 175 -5.93 -14.73 -18.89
N HIS D 176 -5.58 -15.46 -17.84
CA HIS D 176 -4.58 -15.02 -16.85
C HIS D 176 -3.53 -16.10 -16.71
N THR D 177 -2.28 -15.78 -17.03
CA THR D 177 -1.14 -16.67 -16.82
C THR D 177 -0.33 -16.12 -15.66
N PHE D 178 -0.23 -16.88 -14.59
CA PHE D 178 0.33 -16.38 -13.36
C PHE D 178 1.85 -16.39 -13.39
N PRO D 179 2.48 -15.45 -12.70
CA PRO D 179 3.93 -15.54 -12.50
C PRO D 179 4.30 -16.85 -11.85
N ALA D 180 5.42 -17.42 -12.28
CA ALA D 180 5.87 -18.67 -11.70
C ALA D 180 6.28 -18.46 -10.26
N VAL D 181 6.05 -19.49 -9.45
CA VAL D 181 6.52 -19.52 -8.07
C VAL D 181 7.57 -20.62 -7.94
N LEU D 182 8.64 -20.33 -7.24
CA LEU D 182 9.68 -21.32 -6.97
C LEU D 182 9.23 -22.20 -5.80
N GLN D 183 9.05 -23.48 -6.05
CA GLN D 183 8.62 -24.41 -5.03
C GLN D 183 9.78 -24.77 -4.11
N SER D 184 9.46 -25.44 -3.00
CA SER D 184 10.50 -25.87 -2.07
C SER D 184 11.44 -26.89 -2.69
N SER D 185 11.00 -27.58 -3.74
CA SER D 185 11.86 -28.50 -4.46
C SER D 185 12.93 -27.79 -5.27
N GLY D 186 12.84 -26.48 -5.42
CA GLY D 186 13.73 -25.77 -6.33
C GLY D 186 13.24 -25.73 -7.76
N LEU D 187 12.06 -26.27 -8.04
CA LEU D 187 11.43 -26.21 -9.35
C LEU D 187 10.30 -25.19 -9.35
N TYR D 188 10.08 -24.59 -10.52
CA TYR D 188 9.00 -23.63 -10.70
C TYR D 188 7.69 -24.35 -11.00
N SER D 189 6.60 -23.63 -10.77
CA SER D 189 5.27 -24.06 -11.16
C SER D 189 4.42 -22.83 -11.40
N LEU D 190 3.48 -22.93 -12.34
CA LEU D 190 2.51 -21.86 -12.54
C LEU D 190 1.24 -22.45 -13.10
N SER D 191 0.17 -21.65 -13.00
CA SER D 191 -1.09 -21.98 -13.64
C SER D 191 -1.40 -20.90 -14.66
N SER D 192 -2.16 -21.28 -15.67
CA SER D 192 -2.78 -20.35 -16.61
C SER D 192 -4.26 -20.69 -16.65
N VAL D 193 -5.11 -19.67 -16.52
CA VAL D 193 -6.56 -19.89 -16.47
C VAL D 193 -7.23 -18.98 -17.49
N VAL D 194 -8.49 -19.29 -17.78
CA VAL D 194 -9.30 -18.44 -18.64
C VAL D 194 -10.74 -18.60 -18.19
N THR D 195 -11.52 -17.52 -18.25
CA THR D 195 -12.96 -17.61 -18.04
C THR D 195 -13.68 -17.53 -19.37
N VAL D 196 -14.73 -18.34 -19.51
CA VAL D 196 -15.50 -18.47 -20.73
C VAL D 196 -16.97 -18.64 -20.35
N PRO D 197 -17.91 -18.42 -21.27
CA PRO D 197 -19.31 -18.73 -20.95
C PRO D 197 -19.46 -20.21 -20.67
N SER D 198 -20.23 -20.53 -19.62
CA SER D 198 -20.48 -21.93 -19.29
C SER D 198 -21.06 -22.69 -20.48
N SER D 199 -21.90 -22.03 -21.27
CA SER D 199 -22.54 -22.67 -22.40
C SER D 199 -21.56 -22.99 -23.53
N SER D 200 -20.37 -22.39 -23.54
CA SER D 200 -19.41 -22.60 -24.61
C SER D 200 -18.54 -23.83 -24.39
N LEU D 201 -18.70 -24.52 -23.26
CA LEU D 201 -17.79 -25.59 -22.94
C LEU D 201 -17.90 -26.76 -23.92
N GLY D 202 -19.10 -27.01 -24.46
CA GLY D 202 -19.24 -28.09 -25.41
C GLY D 202 -18.86 -27.72 -26.83
N THR D 203 -19.00 -26.45 -27.19
CA THR D 203 -18.94 -26.01 -28.58
C THR D 203 -17.60 -25.40 -28.98
N GLN D 204 -16.70 -25.16 -28.03
CA GLN D 204 -15.44 -24.49 -28.30
C GLN D 204 -14.30 -25.34 -27.77
N THR D 205 -13.28 -25.54 -28.61
CA THR D 205 -12.08 -26.24 -28.19
C THR D 205 -11.19 -25.28 -27.38
N TYR D 206 -10.69 -25.76 -26.25
CA TYR D 206 -9.76 -25.00 -25.41
C TYR D 206 -8.47 -25.80 -25.26
N ILE D 207 -7.37 -25.24 -25.76
CA ILE D 207 -6.06 -25.89 -25.74
C ILE D 207 -5.05 -24.91 -25.19
N CYS D 208 -4.36 -25.31 -24.12
CA CYS D 208 -3.23 -24.54 -23.62
C CYS D 208 -1.96 -25.02 -24.31
N ASN D 209 -1.23 -24.10 -24.92
CA ASN D 209 0.01 -24.42 -25.63
C ASN D 209 1.16 -24.02 -24.72
N VAL D 210 1.83 -25.01 -24.15
CA VAL D 210 2.90 -24.78 -23.19
C VAL D 210 4.25 -25.02 -23.86
N ASN D 211 5.15 -24.04 -23.72
CA ASN D 211 6.50 -24.14 -24.25
C ASN D 211 7.51 -23.90 -23.14
N HIS D 212 8.46 -24.82 -23.01
CA HIS D 212 9.60 -24.62 -22.14
C HIS D 212 10.83 -24.85 -23.02
N LYS D 213 11.30 -23.78 -23.64
CA LYS D 213 12.41 -23.91 -24.57
C LYS D 213 13.69 -24.47 -23.93
N PRO D 214 14.06 -24.12 -22.70
CA PRO D 214 15.29 -24.71 -22.13
C PRO D 214 15.33 -26.24 -22.17
N SER D 215 14.21 -26.92 -22.03
CA SER D 215 14.18 -28.38 -22.10
C SER D 215 13.63 -28.88 -23.43
N ASN D 216 13.42 -27.99 -24.40
CA ASN D 216 12.80 -28.34 -25.68
C ASN D 216 11.47 -29.06 -25.48
N THR D 217 10.72 -28.64 -24.45
CA THR D 217 9.41 -29.22 -24.16
C THR D 217 8.33 -28.39 -24.84
N LYS D 218 7.46 -29.07 -25.58
CA LYS D 218 6.30 -28.43 -26.20
C LYS D 218 5.11 -29.32 -25.94
N VAL D 219 4.08 -28.78 -25.29
CA VAL D 219 2.88 -29.54 -24.95
C VAL D 219 1.66 -28.71 -25.32
N ASP D 220 0.74 -29.31 -26.08
CA ASP D 220 -0.57 -28.75 -26.36
C ASP D 220 -1.60 -29.65 -25.67
N LYS D 221 -2.27 -29.13 -24.65
CA LYS D 221 -3.19 -29.91 -23.83
C LYS D 221 -4.62 -29.41 -24.02
N LYS D 222 -5.47 -30.26 -24.58
CA LYS D 222 -6.91 -29.99 -24.61
C LYS D 222 -7.47 -30.11 -23.21
N VAL D 223 -8.20 -29.09 -22.76
CA VAL D 223 -8.79 -29.07 -21.42
C VAL D 223 -10.30 -29.21 -21.58
N GLU D 224 -10.86 -30.23 -20.93
CA GLU D 224 -12.27 -30.61 -21.10
C GLU D 224 -12.86 -30.86 -19.72
N PRO D 225 -14.20 -30.72 -19.59
CA PRO D 225 -14.88 -30.98 -18.31
C PRO D 225 -14.63 -32.38 -17.76
N ALA E 2 29.36 17.62 -32.00
CA ALA E 2 28.16 18.29 -31.53
C ALA E 2 27.29 17.38 -30.68
N ASN E 3 27.93 16.43 -30.01
CA ASN E 3 27.26 15.64 -28.96
C ASN E 3 27.13 16.53 -27.73
N PRO E 4 25.90 16.87 -27.31
CA PRO E 4 25.76 17.82 -26.19
C PRO E 4 26.00 17.21 -24.82
N ASN E 5 26.23 15.90 -24.73
CA ASN E 5 26.42 15.23 -23.45
C ASN E 5 27.87 15.41 -23.01
N ALA E 6 28.19 16.66 -22.68
CA ALA E 6 29.53 16.99 -22.21
C ALA E 6 29.77 16.42 -20.82
N ASN E 7 31.00 15.97 -20.59
CA ASN E 7 31.36 15.41 -19.29
C ASN E 7 31.44 16.50 -18.22
N PRO E 8 30.63 16.45 -17.17
CA PRO E 8 30.73 17.47 -16.11
C PRO E 8 31.97 17.33 -15.25
N ASN E 9 32.78 16.29 -15.48
CA ASN E 9 34.01 16.04 -14.72
C ASN E 9 33.73 15.96 -13.22
N ALA F 2 -11.94 44.85 2.59
CA ALA F 2 -10.62 44.40 3.07
C ALA F 2 -10.51 42.88 3.01
N ASN F 3 -11.62 42.19 3.24
CA ASN F 3 -11.71 40.73 3.12
C ASN F 3 -11.54 40.32 1.66
N PRO F 4 -10.44 39.67 1.29
CA PRO F 4 -10.19 39.38 -0.13
C PRO F 4 -10.99 38.21 -0.67
N ASN F 5 -11.75 37.51 0.18
CA ASN F 5 -12.52 36.33 -0.23
C ASN F 5 -13.83 36.78 -0.88
N ALA F 6 -13.68 37.42 -2.03
CA ALA F 6 -14.84 37.85 -2.81
C ALA F 6 -15.60 36.64 -3.36
N ASN F 7 -16.93 36.73 -3.37
CA ASN F 7 -17.75 35.66 -3.93
C ASN F 7 -17.56 35.61 -5.44
N PRO F 8 -17.04 34.52 -6.00
CA PRO F 8 -16.94 34.43 -7.46
C PRO F 8 -18.27 34.16 -8.14
N ASN F 9 -19.35 34.02 -7.37
CA ASN F 9 -20.71 33.86 -7.90
C ASN F 9 -20.84 32.61 -8.75
C1 GOL G . 10.69 -11.29 20.08
O1 GOL G . 9.44 -11.44 19.45
C2 GOL G . 10.55 -10.27 21.18
O2 GOL G . 11.85 -9.89 21.60
C3 GOL G . 9.78 -10.94 22.29
O3 GOL G . 9.37 -9.97 23.22
#